data_487D
#
_entry.id   487D
#
_cell.length_a   1.000
_cell.length_b   1.000
_cell.length_c   1.000
_cell.angle_alpha   90.00
_cell.angle_beta   90.00
_cell.angle_gamma   90.00
#
_symmetry.space_group_name_H-M   'P 1'
#
loop_
_entity.id
_entity.type
_entity.pdbx_description
1 polymer '50S ribosomal protein L1'
2 polymer '50S ribosomal protein L2'
3 polymer '50S ribosomal protein L6'
4 polymer '50S ribosomal protein L9'
5 polymer '50S ribosomal protein L11'
6 polymer '50S ribosomal protein L14'
7 polymer '50S ribosomal protein L25'
#
loop_
_entity_poly.entity_id
_entity_poly.type
_entity_poly.pdbx_seq_one_letter_code
_entity_poly.pdbx_strand_id
1 'polypeptide(L)'
;KRYRALLEKVDPNKIYTIDEAAHLVKELATAKFDETVEVHAKLGIDPRRSDQNVRGTVSLPHGLGKQVRVLAIAKGEKIK
EAEEAGADYVGGEEIIQKILDGWMDFDAVVATPDVMGAVGSKLGRILGPRGLLPNPKAGTVGFNIGEIIREIKAGRIEFR
NDKTGAIHAPVGKACFPPEKLADNIRAFIRALEAHKPEGAKGTFLRSVYVTTTMGPSVRINPHS
;
H
2 'polypeptide(L)'
;QYRIIDFKRDKDGIPGRVATIEYDPNRSANIALINYADGEKRYIIAPKNLKVG(MSE)EI(MSE)SGPDADIKIGNALPL
ENIPVGTLVHNIELKPGRGGQLVRAAGTSAQVLGKEGKYVIVRLASGEVR(MSE)ILGKCRATVGEV
;
I
3 'polypeptide(L)'
;PIEIPAGVTVTVNGNTVTVKGPKGELTRTFHPDMTITVEGNVITVTRPSDEKHHRALHGTTRSLLANMVEGVSKGYEKAL
ELVGVGYRASKQGKKLVLSVGYSHPVEIEPEEGLEIEVPSQTKIIVKGADKQRVGELAANIRAVRPPEPYKGKGIRYEGE
LVRL
;
J
4 'polypeptide(L)'
;MKVIFLKDVKGKGKKGEIKNVADGYANNFLFKQGLAIEATPANLKALEAQKQKEQRQAAEELANAKKLKEQLEKLTVTIP
AKAGEGGRLFGSITSKQIAESLQAQHGLKLDKRKIELADAIRALGYTNVPVKLHPEVTATLKVHVTEQK
;
K
5 'polypeptide(L)'
;QIKLQLPAGKATPAPPVGPALGQHGVNIMEFCKRFNAETADKAGMILPVVITVYEDKSFTFIIKTPPASFLLKKAAGIEK
GSSEPKRKIVGKVTRKQIEEIAKTKMPDLNANSLEAAMKIIEGTAKSMGIEVV
;
L
6 'polypeptide(L)'
;MIQQESRLKVADNSGAREVLVIKVLGGSGRRYANIGDVVVATVKDATPGGVVKKGQVVKAVVVRTKRGVRRPDGSYIRFD
ENACVIIRDDKSPRGTRIFGPVARELRDKDFMKIISLAPEVI
;
M
7 'polypeptide(L)'
;MFTINAEVRKEQGKGASRRLRAANKFPAIIYGGKEAPLAIELDHDKVMNMQAKAEFYSEVLTIVVDGKEIKVKAQDVQRH
PYKPKLQHIDFVRA
;
N
#
# COMPACT_ATOMS: atom_id res chain seq x y z
N LYS A 1 -57.16 -80.51 32.33
CA LYS A 1 -58.44 -81.22 32.04
C LYS A 1 -59.23 -81.53 33.30
N ARG A 2 -60.50 -81.13 33.30
CA ARG A 2 -61.41 -81.38 34.42
C ARG A 2 -62.78 -81.05 33.85
N TYR A 3 -63.08 -81.57 32.66
CA TYR A 3 -64.36 -81.22 32.04
C TYR A 3 -64.85 -82.03 30.81
N ARG A 4 -64.37 -83.24 30.60
CA ARG A 4 -64.82 -84.02 29.44
C ARG A 4 -66.22 -84.58 29.69
N ALA A 5 -66.45 -84.84 30.96
CA ALA A 5 -67.68 -85.43 31.45
C ALA A 5 -68.74 -84.35 31.58
N LEU A 6 -68.25 -83.13 31.79
CA LEU A 6 -69.05 -81.93 31.93
C LEU A 6 -69.62 -81.54 30.55
N LEU A 7 -68.83 -81.74 29.50
CA LEU A 7 -69.23 -81.42 28.13
C LEU A 7 -70.21 -82.41 27.48
N GLU A 8 -70.37 -83.59 28.04
CA GLU A 8 -71.26 -84.58 27.45
C GLU A 8 -72.73 -84.39 27.82
N LYS A 9 -72.98 -83.71 28.94
CA LYS A 9 -74.34 -83.47 29.45
C LYS A 9 -75.08 -82.31 28.80
N VAL A 10 -74.36 -81.48 28.07
CA VAL A 10 -74.93 -80.30 27.44
C VAL A 10 -74.91 -80.34 25.92
N ASP A 11 -76.06 -80.16 25.27
CA ASP A 11 -76.12 -80.11 23.83
C ASP A 11 -75.98 -78.60 23.52
N PRO A 12 -74.88 -78.21 22.86
CA PRO A 12 -74.62 -76.80 22.52
C PRO A 12 -75.54 -76.18 21.48
N ASN A 13 -76.23 -77.00 20.69
CA ASN A 13 -77.14 -76.48 19.66
C ASN A 13 -78.62 -76.56 20.06
N LYS A 14 -78.85 -76.84 21.34
CA LYS A 14 -80.21 -76.94 21.88
C LYS A 14 -80.59 -75.70 22.72
N ILE A 15 -81.79 -75.16 22.49
CA ILE A 15 -82.30 -74.02 23.26
C ILE A 15 -83.17 -74.69 24.34
N TYR A 16 -82.69 -74.69 25.57
CA TYR A 16 -83.41 -75.31 26.68
C TYR A 16 -84.51 -74.43 27.27
N THR A 17 -85.51 -75.04 27.88
CA THR A 17 -86.57 -74.29 28.53
C THR A 17 -85.93 -73.94 29.86
N ILE A 18 -86.45 -72.93 30.54
CA ILE A 18 -85.89 -72.50 31.83
C ILE A 18 -85.91 -73.64 32.89
N ASP A 19 -86.95 -74.46 32.87
CA ASP A 19 -87.09 -75.57 33.81
C ASP A 19 -86.06 -76.65 33.54
N GLU A 20 -85.81 -76.97 32.26
CA GLU A 20 -84.78 -77.96 31.93
C GLU A 20 -83.39 -77.47 32.37
N ALA A 21 -83.08 -76.20 32.10
CA ALA A 21 -81.80 -75.61 32.46
C ALA A 21 -81.60 -75.59 33.96
N ALA A 22 -82.68 -75.29 34.69
CA ALA A 22 -82.67 -75.22 36.16
C ALA A 22 -82.26 -76.59 36.73
N HIS A 23 -82.76 -77.66 36.12
CA HIS A 23 -82.41 -79.01 36.55
C HIS A 23 -81.01 -79.37 36.07
N LEU A 24 -80.72 -79.05 34.81
CA LEU A 24 -79.41 -79.37 34.25
C LEU A 24 -78.24 -78.66 34.90
N VAL A 25 -78.42 -77.38 35.17
CA VAL A 25 -77.37 -76.56 35.77
C VAL A 25 -76.86 -77.10 37.10
N LYS A 26 -77.73 -77.77 37.86
CA LYS A 26 -77.29 -78.32 39.13
C LYS A 26 -76.29 -79.46 38.95
N GLU A 27 -76.38 -80.16 37.82
CA GLU A 27 -75.47 -81.27 37.50
C GLU A 27 -74.15 -80.81 36.84
N LEU A 28 -73.99 -79.52 36.60
CA LEU A 28 -72.76 -78.99 35.98
C LEU A 28 -71.91 -78.36 37.07
N ALA A 29 -72.57 -78.05 38.17
CA ALA A 29 -71.94 -77.43 39.32
C ALA A 29 -71.39 -78.44 40.30
N THR A 30 -70.87 -79.55 39.78
CA THR A 30 -70.29 -80.57 40.64
C THR A 30 -68.83 -80.13 40.88
N ALA A 31 -68.67 -79.17 41.79
CA ALA A 31 -67.37 -78.62 42.16
C ALA A 31 -67.43 -78.33 43.64
N LYS A 32 -66.34 -77.80 44.17
CA LYS A 32 -66.28 -77.48 45.58
C LYS A 32 -67.26 -76.37 45.91
N PHE A 33 -67.62 -76.28 47.19
CA PHE A 33 -68.57 -75.28 47.72
C PHE A 33 -69.87 -75.09 46.93
N ASP A 34 -70.62 -74.03 47.27
CA ASP A 34 -71.87 -73.74 46.58
C ASP A 34 -71.63 -72.69 45.48
N GLU A 35 -71.71 -73.19 44.25
CA GLU A 35 -71.49 -72.42 43.05
C GLU A 35 -72.61 -71.44 42.77
N THR A 36 -72.25 -70.22 42.39
CA THR A 36 -73.22 -69.20 42.05
C THR A 36 -73.75 -69.42 40.63
N VAL A 37 -75.06 -69.33 40.46
CA VAL A 37 -75.67 -69.50 39.14
C VAL A 37 -75.99 -68.11 38.62
N GLU A 38 -75.65 -67.85 37.34
CA GLU A 38 -75.88 -66.56 36.71
C GLU A 38 -76.61 -66.68 35.40
N VAL A 39 -77.30 -65.61 35.00
CA VAL A 39 -77.98 -65.57 33.73
C VAL A 39 -77.20 -64.50 32.99
N HIS A 40 -76.88 -64.76 31.73
CA HIS A 40 -76.13 -63.84 30.88
C HIS A 40 -76.91 -63.63 29.59
N ALA A 41 -76.87 -62.42 29.03
CA ALA A 41 -77.59 -62.15 27.82
C ALA A 41 -76.84 -61.18 26.92
N LYS A 42 -77.00 -61.37 25.62
CA LYS A 42 -76.44 -60.52 24.59
C LYS A 42 -77.63 -59.64 24.18
N LEU A 43 -77.51 -58.33 24.37
CA LEU A 43 -78.60 -57.41 24.06
C LEU A 43 -78.49 -56.71 22.75
N GLY A 44 -79.62 -56.38 22.16
CA GLY A 44 -79.62 -55.70 20.89
C GLY A 44 -79.57 -54.19 21.11
N ILE A 45 -78.42 -53.70 21.58
CA ILE A 45 -78.24 -52.28 21.84
C ILE A 45 -76.89 -51.81 21.34
N ASP A 46 -76.73 -50.49 21.25
CA ASP A 46 -75.46 -49.90 20.87
C ASP A 46 -74.92 -49.52 22.25
N PRO A 47 -73.92 -50.27 22.74
CA PRO A 47 -73.33 -50.00 24.06
C PRO A 47 -72.64 -48.62 24.23
N ARG A 48 -72.32 -47.95 23.11
CA ARG A 48 -71.68 -46.64 23.16
C ARG A 48 -72.69 -45.48 23.22
N ARG A 49 -73.99 -45.80 23.17
CA ARG A 49 -75.07 -44.81 23.24
C ARG A 49 -75.67 -44.78 24.62
N SER A 50 -75.57 -43.64 25.29
CA SER A 50 -76.13 -43.50 26.62
C SER A 50 -77.65 -43.67 26.70
N ASP A 51 -78.38 -43.32 25.64
CA ASP A 51 -79.84 -43.48 25.63
C ASP A 51 -80.32 -44.91 25.32
N GLN A 52 -79.37 -45.83 25.18
CA GLN A 52 -79.68 -47.24 24.92
C GLN A 52 -79.07 -48.14 25.96
N ASN A 53 -78.57 -47.55 27.04
CA ASN A 53 -77.99 -48.33 28.12
C ASN A 53 -79.08 -48.90 29.04
N VAL A 54 -78.82 -50.06 29.63
CA VAL A 54 -79.77 -50.75 30.48
C VAL A 54 -79.22 -50.82 31.89
N ARG A 55 -79.98 -50.31 32.84
CA ARG A 55 -79.61 -50.27 34.25
C ARG A 55 -80.92 -50.38 35.01
N GLY A 56 -80.95 -51.20 36.05
CA GLY A 56 -82.17 -51.35 36.81
C GLY A 56 -82.00 -52.33 37.95
N THR A 57 -83.09 -52.67 38.61
CA THR A 57 -83.05 -53.59 39.73
C THR A 57 -84.12 -54.66 39.57
N VAL A 58 -83.88 -55.82 40.16
CA VAL A 58 -84.86 -56.90 40.14
C VAL A 58 -85.03 -57.41 41.56
N SER A 59 -86.28 -57.59 41.98
CA SER A 59 -86.57 -58.11 43.31
C SER A 59 -86.77 -59.61 43.12
N LEU A 60 -85.74 -60.42 43.33
CA LEU A 60 -85.85 -61.85 43.14
C LEU A 60 -86.78 -62.52 44.14
N PRO A 61 -87.66 -63.44 43.68
CA PRO A 61 -88.57 -64.08 44.63
C PRO A 61 -87.92 -64.95 45.73
N HIS A 62 -86.70 -65.47 45.53
CA HIS A 62 -86.09 -66.31 46.55
C HIS A 62 -84.65 -65.95 46.85
N GLY A 63 -84.27 -66.12 48.12
CA GLY A 63 -82.89 -65.85 48.51
C GLY A 63 -82.44 -64.50 49.02
N LEU A 64 -83.19 -63.43 48.76
CA LEU A 64 -82.79 -62.10 49.20
C LEU A 64 -83.65 -61.46 50.31
N GLY A 65 -83.36 -60.20 50.64
CA GLY A 65 -84.13 -59.51 51.65
C GLY A 65 -83.60 -59.71 53.05
N LYS A 66 -84.52 -59.74 54.00
CA LYS A 66 -84.23 -59.90 55.43
C LYS A 66 -83.33 -61.05 55.83
N GLN A 67 -83.71 -62.23 55.40
CA GLN A 67 -82.98 -63.45 55.71
C GLN A 67 -81.47 -63.37 55.40
N VAL A 68 -81.07 -62.54 54.44
CA VAL A 68 -79.66 -62.43 54.09
C VAL A 68 -78.90 -61.79 55.24
N ARG A 69 -77.89 -62.49 55.73
CA ARG A 69 -77.04 -62.00 56.83
C ARG A 69 -75.88 -61.22 56.20
N VAL A 70 -75.91 -59.90 56.33
CA VAL A 70 -74.88 -59.05 55.74
C VAL A 70 -73.75 -58.72 56.67
N LEU A 71 -72.51 -58.93 56.20
CA LEU A 71 -71.33 -58.55 56.95
C LEU A 71 -70.77 -57.27 56.29
N ALA A 72 -70.64 -56.20 57.08
CA ALA A 72 -70.11 -54.93 56.60
C ALA A 72 -68.73 -54.67 57.21
N ILE A 73 -67.72 -54.39 56.37
CA ILE A 73 -66.36 -54.12 56.84
C ILE A 73 -66.13 -52.66 56.51
N ALA A 74 -65.78 -51.87 57.51
CA ALA A 74 -65.60 -50.44 57.29
C ALA A 74 -64.60 -49.83 58.26
N LYS A 75 -64.46 -48.50 58.20
CA LYS A 75 -63.55 -47.74 59.08
C LYS A 75 -64.15 -46.38 59.48
N GLY A 76 -63.69 -45.89 60.64
CA GLY A 76 -64.15 -44.61 61.15
C GLY A 76 -65.62 -44.50 61.47
N GLU A 77 -66.23 -43.38 61.10
CA GLU A 77 -67.64 -43.21 61.38
C GLU A 77 -68.51 -44.08 60.46
N LYS A 78 -67.89 -44.74 59.48
CA LYS A 78 -68.64 -45.61 58.57
C LYS A 78 -69.12 -46.90 59.26
N ILE A 79 -68.47 -47.27 60.37
CA ILE A 79 -68.88 -48.45 61.11
C ILE A 79 -70.22 -48.13 61.74
N LYS A 80 -70.35 -46.91 62.27
CA LYS A 80 -71.59 -46.44 62.88
C LYS A 80 -72.73 -46.39 61.87
N GLU A 81 -72.42 -45.91 60.67
CA GLU A 81 -73.41 -45.85 59.59
C GLU A 81 -73.91 -47.26 59.23
N ALA A 82 -72.99 -48.22 59.20
CA ALA A 82 -73.32 -49.60 58.88
C ALA A 82 -74.22 -50.20 59.98
N GLU A 83 -73.91 -49.87 61.24
CA GLU A 83 -74.72 -50.36 62.37
C GLU A 83 -76.13 -49.78 62.28
N GLU A 84 -76.20 -48.47 62.04
CA GLU A 84 -77.47 -47.76 61.95
C GLU A 84 -78.36 -48.34 60.84
N ALA A 85 -77.74 -48.69 59.71
CA ALA A 85 -78.44 -49.28 58.55
C ALA A 85 -78.94 -50.70 58.76
N GLY A 86 -78.51 -51.34 59.85
CA GLY A 86 -78.96 -52.68 60.14
C GLY A 86 -78.19 -53.85 59.57
N ALA A 87 -76.91 -53.68 59.29
CA ALA A 87 -76.11 -54.81 58.79
C ALA A 87 -76.09 -55.83 59.93
N ASP A 88 -76.12 -57.13 59.60
CA ASP A 88 -76.12 -58.18 60.61
C ASP A 88 -74.83 -58.28 61.41
N TYR A 89 -73.71 -58.05 60.74
CA TYR A 89 -72.40 -58.10 61.38
C TYR A 89 -71.61 -56.92 60.88
N VAL A 90 -70.94 -56.21 61.78
CA VAL A 90 -70.15 -55.06 61.38
C VAL A 90 -68.81 -55.15 62.07
N GLY A 91 -67.75 -54.77 61.37
CA GLY A 91 -66.45 -54.78 61.98
C GLY A 91 -65.46 -53.99 61.17
N GLY A 92 -64.32 -53.65 61.78
CA GLY A 92 -63.27 -52.95 61.05
C GLY A 92 -62.39 -54.07 60.50
N GLU A 93 -61.15 -53.76 60.12
CA GLU A 93 -60.24 -54.79 59.60
C GLU A 93 -59.95 -55.93 60.57
N GLU A 94 -60.16 -55.70 61.86
CA GLU A 94 -59.92 -56.71 62.89
C GLU A 94 -60.78 -57.96 62.65
N ILE A 95 -61.87 -57.79 61.92
CA ILE A 95 -62.78 -58.91 61.69
C ILE A 95 -62.27 -59.89 60.62
N ILE A 96 -61.26 -59.48 59.86
CA ILE A 96 -60.65 -60.34 58.82
C ILE A 96 -60.04 -61.62 59.45
N GLN A 97 -59.40 -61.49 60.62
CA GLN A 97 -58.80 -62.61 61.36
C GLN A 97 -59.86 -63.60 61.78
N LYS A 98 -61.06 -63.11 62.07
CA LYS A 98 -62.18 -63.97 62.46
C LYS A 98 -62.59 -64.86 61.29
N ILE A 99 -62.63 -64.28 60.10
CA ILE A 99 -62.98 -65.02 58.88
C ILE A 99 -61.85 -66.03 58.56
N LEU A 100 -60.61 -65.59 58.78
CA LEU A 100 -59.42 -66.43 58.56
C LEU A 100 -59.40 -67.66 59.47
N ASP A 101 -59.94 -67.53 60.69
CA ASP A 101 -60.01 -68.62 61.66
C ASP A 101 -61.20 -69.54 61.45
N GLY A 102 -61.95 -69.30 60.38
CA GLY A 102 -63.09 -70.16 60.10
C GLY A 102 -64.49 -69.61 60.23
N TRP A 103 -64.65 -68.34 60.62
CA TRP A 103 -65.99 -67.74 60.74
C TRP A 103 -66.50 -67.46 59.34
N MET A 104 -67.71 -67.91 59.07
CA MET A 104 -68.25 -67.77 57.73
C MET A 104 -69.79 -67.71 57.70
N ASP A 105 -70.43 -67.34 58.81
CA ASP A 105 -71.90 -67.32 58.85
C ASP A 105 -72.60 -66.12 58.27
N PHE A 106 -72.18 -65.70 57.09
CA PHE A 106 -72.82 -64.55 56.50
C PHE A 106 -73.06 -64.94 55.07
N ASP A 107 -74.02 -64.29 54.43
CA ASP A 107 -74.37 -64.56 53.05
C ASP A 107 -73.92 -63.51 52.06
N ALA A 108 -73.44 -62.36 52.54
CA ALA A 108 -73.03 -61.29 51.67
C ALA A 108 -72.08 -60.39 52.42
N VAL A 109 -71.16 -59.77 51.67
CA VAL A 109 -70.16 -58.87 52.24
C VAL A 109 -70.14 -57.55 51.50
N VAL A 110 -70.15 -56.46 52.22
CA VAL A 110 -70.08 -55.13 51.64
C VAL A 110 -68.96 -54.39 52.35
N ALA A 111 -68.26 -53.50 51.67
CA ALA A 111 -67.16 -52.81 52.31
C ALA A 111 -66.95 -51.44 51.73
N THR A 112 -66.23 -50.61 52.47
CA THR A 112 -65.88 -49.28 52.04
C THR A 112 -64.54 -49.40 51.27
N PRO A 113 -64.30 -48.49 50.31
CA PRO A 113 -63.09 -48.47 49.49
C PRO A 113 -61.80 -48.56 50.28
N ASP A 114 -61.75 -47.91 51.44
CA ASP A 114 -60.54 -47.92 52.26
C ASP A 114 -60.09 -49.18 53.02
N VAL A 115 -60.89 -50.23 53.04
CA VAL A 115 -60.45 -51.45 53.73
C VAL A 115 -60.16 -52.54 52.68
N MET A 116 -60.46 -52.25 51.44
CA MET A 116 -60.29 -53.18 50.33
C MET A 116 -58.90 -53.72 50.04
N GLY A 117 -57.88 -52.92 50.26
CA GLY A 117 -56.53 -53.39 50.02
C GLY A 117 -56.26 -54.60 50.90
N ALA A 118 -56.58 -54.46 52.18
CA ALA A 118 -56.39 -55.54 53.12
C ALA A 118 -57.41 -56.67 52.89
N VAL A 119 -58.64 -56.30 52.52
CA VAL A 119 -59.67 -57.30 52.28
C VAL A 119 -59.33 -58.16 51.06
N GLY A 120 -59.09 -57.50 49.93
CA GLY A 120 -58.77 -58.21 48.71
C GLY A 120 -57.46 -58.97 48.81
N SER A 121 -56.55 -58.47 49.63
CA SER A 121 -55.26 -59.09 49.80
C SER A 121 -55.30 -60.31 50.73
N LYS A 122 -56.04 -60.22 51.82
CA LYS A 122 -56.09 -61.32 52.78
C LYS A 122 -57.24 -62.33 52.56
N LEU A 123 -58.28 -61.91 51.86
CA LEU A 123 -59.44 -62.79 51.66
C LEU A 123 -59.81 -63.07 50.20
N GLY A 124 -59.06 -62.53 49.25
CA GLY A 124 -59.36 -62.75 47.86
C GLY A 124 -59.33 -64.24 47.53
N ARG A 125 -58.48 -64.97 48.26
CA ARG A 125 -58.34 -66.42 48.06
C ARG A 125 -59.58 -67.22 48.50
N ILE A 126 -60.08 -66.93 49.71
CA ILE A 126 -61.24 -67.60 50.29
C ILE A 126 -62.59 -67.13 49.75
N LEU A 127 -62.80 -65.82 49.77
CA LEU A 127 -64.07 -65.24 49.30
C LEU A 127 -64.25 -65.16 47.78
N GLY A 128 -63.15 -64.89 47.06
CA GLY A 128 -63.18 -64.78 45.61
C GLY A 128 -63.96 -65.89 44.95
N PRO A 129 -63.50 -67.15 45.01
CA PRO A 129 -64.22 -68.27 44.39
C PRO A 129 -65.67 -68.45 44.87
N ARG A 130 -65.91 -68.26 46.18
CA ARG A 130 -67.24 -68.41 46.74
C ARG A 130 -68.20 -67.32 46.27
N GLY A 131 -67.67 -66.32 45.56
CA GLY A 131 -68.48 -65.22 45.09
C GLY A 131 -68.86 -64.25 46.20
N LEU A 132 -68.00 -64.13 47.22
CA LEU A 132 -68.26 -63.26 48.35
C LEU A 132 -67.35 -62.01 48.44
N LEU A 133 -66.49 -61.78 47.45
CA LEU A 133 -65.62 -60.58 47.47
C LEU A 133 -66.34 -59.30 47.04
N PRO A 134 -66.27 -58.23 47.88
CA PRO A 134 -66.91 -56.96 47.52
C PRO A 134 -66.29 -56.48 46.21
N ASN A 135 -67.11 -55.98 45.31
CA ASN A 135 -66.63 -55.58 44.00
C ASN A 135 -67.39 -54.36 43.51
N PRO A 136 -66.66 -53.33 43.07
CA PRO A 136 -67.31 -52.11 42.58
C PRO A 136 -68.52 -52.22 41.62
N LYS A 137 -68.52 -53.12 40.64
CA LYS A 137 -69.69 -53.20 39.75
C LYS A 137 -70.72 -54.24 40.15
N ALA A 138 -70.45 -54.91 41.26
CA ALA A 138 -71.40 -55.86 41.82
C ALA A 138 -72.18 -54.99 42.82
N GLY A 139 -71.73 -53.73 42.94
CA GLY A 139 -72.36 -52.75 43.82
C GLY A 139 -72.16 -52.98 45.31
N THR A 140 -71.14 -53.76 45.68
CA THR A 140 -70.87 -54.08 47.09
C THR A 140 -69.69 -53.34 47.76
N VAL A 141 -69.17 -52.31 47.08
CA VAL A 141 -68.07 -51.47 47.58
C VAL A 141 -68.48 -50.02 47.32
N GLY A 142 -68.42 -49.19 48.35
CA GLY A 142 -68.78 -47.78 48.22
C GLY A 142 -68.79 -47.06 49.55
N PHE A 143 -68.63 -45.74 49.53
CA PHE A 143 -68.61 -44.95 50.77
C PHE A 143 -70.04 -44.77 51.33
N ASN A 144 -71.05 -44.95 50.50
CA ASN A 144 -72.43 -44.80 50.93
C ASN A 144 -72.85 -46.19 51.37
N ILE A 145 -72.14 -46.73 52.35
CA ILE A 145 -72.39 -48.07 52.84
C ILE A 145 -73.77 -48.34 53.44
N GLY A 146 -74.39 -47.32 54.03
CA GLY A 146 -75.71 -47.51 54.60
C GLY A 146 -76.71 -47.81 53.49
N GLU A 147 -76.58 -47.12 52.37
CA GLU A 147 -77.47 -47.31 51.22
C GLU A 147 -77.32 -48.72 50.63
N ILE A 148 -76.08 -49.21 50.52
CA ILE A 148 -75.83 -50.54 49.98
C ILE A 148 -76.56 -51.59 50.81
N ILE A 149 -76.38 -51.54 52.12
CA ILE A 149 -77.01 -52.47 53.06
C ILE A 149 -78.53 -52.49 52.95
N ARG A 150 -79.15 -51.32 52.92
CA ARG A 150 -80.60 -51.21 52.82
C ARG A 150 -81.17 -51.83 51.53
N GLU A 151 -80.43 -51.71 50.43
CA GLU A 151 -80.85 -52.27 49.14
C GLU A 151 -80.99 -53.78 49.17
N ILE A 152 -79.98 -54.47 49.68
CA ILE A 152 -79.96 -55.94 49.79
C ILE A 152 -81.05 -56.39 50.74
N LYS A 153 -81.15 -55.69 51.86
CA LYS A 153 -82.13 -55.99 52.89
C LYS A 153 -83.53 -55.88 52.30
N ALA A 154 -83.67 -54.97 51.34
CA ALA A 154 -84.93 -54.76 50.64
C ALA A 154 -85.18 -55.85 49.59
N GLY A 155 -84.19 -56.71 49.38
CA GLY A 155 -84.32 -57.77 48.40
C GLY A 155 -84.15 -57.34 46.93
N ARG A 156 -83.35 -56.29 46.68
CA ARG A 156 -83.14 -55.85 45.30
C ARG A 156 -81.69 -55.94 44.87
N ILE A 157 -81.44 -56.44 43.67
CA ILE A 157 -80.08 -56.50 43.13
C ILE A 157 -80.09 -55.64 41.86
N GLU A 158 -78.99 -54.96 41.59
CA GLU A 158 -78.86 -54.06 40.45
C GLU A 158 -78.19 -54.72 39.26
N PHE A 159 -78.57 -54.27 38.07
CA PHE A 159 -77.98 -54.80 36.84
C PHE A 159 -77.75 -53.67 35.86
N ARG A 160 -76.72 -53.86 35.04
CA ARG A 160 -76.35 -52.91 34.01
C ARG A 160 -75.48 -53.58 32.95
N ASN A 161 -75.67 -53.19 31.70
CA ASN A 161 -74.90 -53.78 30.64
C ASN A 161 -73.42 -53.38 30.74
N ASP A 162 -72.54 -54.18 30.17
CA ASP A 162 -71.14 -53.84 30.15
C ASP A 162 -70.82 -53.24 28.77
N LYS A 163 -69.55 -52.89 28.54
CA LYS A 163 -69.15 -52.28 27.27
C LYS A 163 -69.27 -53.18 26.04
N THR A 164 -69.42 -54.49 26.24
CA THR A 164 -69.54 -55.41 25.10
C THR A 164 -71.00 -55.60 24.71
N GLY A 165 -71.91 -54.98 25.43
CA GLY A 165 -73.33 -55.14 25.14
C GLY A 165 -73.93 -56.37 25.82
N ALA A 166 -73.19 -56.95 26.76
CA ALA A 166 -73.66 -58.11 27.49
C ALA A 166 -74.12 -57.62 28.86
N ILE A 167 -74.91 -58.44 29.54
CA ILE A 167 -75.41 -58.10 30.86
C ILE A 167 -75.59 -59.41 31.57
N HIS A 168 -75.53 -59.38 32.88
CA HIS A 168 -75.74 -60.60 33.64
C HIS A 168 -75.96 -60.32 35.11
N ALA A 169 -76.34 -61.37 35.83
CA ALA A 169 -76.59 -61.24 37.24
C ALA A 169 -76.69 -62.63 37.89
N PRO A 170 -76.34 -62.71 39.18
CA PRO A 170 -76.43 -63.99 39.88
C PRO A 170 -77.91 -64.20 40.23
N VAL A 171 -78.40 -65.44 40.12
CA VAL A 171 -79.79 -65.69 40.43
C VAL A 171 -80.00 -66.77 41.49
N GLY A 172 -78.92 -67.28 42.06
CA GLY A 172 -79.02 -68.33 43.05
C GLY A 172 -77.71 -69.07 43.22
N LYS A 173 -77.79 -70.22 43.85
CA LYS A 173 -76.62 -71.06 44.08
C LYS A 173 -77.01 -72.44 43.54
N ALA A 174 -76.03 -73.24 43.15
CA ALA A 174 -76.32 -74.55 42.57
C ALA A 174 -77.15 -75.47 43.44
N CYS A 175 -77.10 -75.27 44.75
CA CYS A 175 -77.82 -76.12 45.69
C CYS A 175 -79.31 -75.81 45.79
N PHE A 176 -79.74 -74.68 45.25
CA PHE A 176 -81.16 -74.28 45.30
C PHE A 176 -81.99 -75.37 44.63
N PRO A 177 -83.24 -75.53 45.08
CA PRO A 177 -84.17 -76.51 44.52
C PRO A 177 -84.45 -75.93 43.11
N PRO A 178 -84.48 -76.78 42.07
CA PRO A 178 -84.74 -76.29 40.70
C PRO A 178 -85.94 -75.39 40.42
N GLU A 179 -87.00 -75.48 41.22
CA GLU A 179 -88.18 -74.63 41.00
C GLU A 179 -87.89 -73.21 41.46
N LYS A 180 -87.10 -73.06 42.50
CA LYS A 180 -86.73 -71.74 43.02
C LYS A 180 -85.78 -71.09 42.05
N LEU A 181 -84.84 -71.88 41.54
CA LEU A 181 -83.89 -71.38 40.56
C LEU A 181 -84.68 -70.93 39.36
N ALA A 182 -85.61 -71.77 38.91
CA ALA A 182 -86.42 -71.43 37.74
C ALA A 182 -87.21 -70.15 37.98
N ASP A 183 -87.77 -69.99 39.19
CA ASP A 183 -88.52 -68.77 39.51
C ASP A 183 -87.64 -67.52 39.42
N ASN A 184 -86.43 -67.60 40.00
CA ASN A 184 -85.50 -66.48 39.96
C ASN A 184 -85.04 -66.12 38.53
N ILE A 185 -84.76 -67.13 37.70
CA ILE A 185 -84.36 -66.88 36.30
C ILE A 185 -85.45 -66.14 35.53
N ARG A 186 -86.70 -66.59 35.65
CA ARG A 186 -87.84 -65.93 35.00
C ARG A 186 -87.99 -64.52 35.49
N ALA A 187 -87.77 -64.29 36.79
CA ALA A 187 -87.89 -62.96 37.39
C ALA A 187 -86.88 -61.99 36.79
N PHE A 188 -85.64 -62.44 36.59
CA PHE A 188 -84.61 -61.60 35.99
C PHE A 188 -84.94 -61.24 34.53
N ILE A 189 -85.43 -62.21 33.77
CA ILE A 189 -85.80 -61.99 32.36
C ILE A 189 -86.95 -60.97 32.26
N ARG A 190 -87.99 -61.13 33.09
CA ARG A 190 -89.13 -60.20 33.11
C ARG A 190 -88.66 -58.80 33.42
N ALA A 191 -87.75 -58.65 34.40
CA ALA A 191 -87.22 -57.35 34.80
C ALA A 191 -86.42 -56.72 33.69
N LEU A 192 -85.59 -57.54 33.05
CA LEU A 192 -84.75 -57.09 31.95
C LEU A 192 -85.60 -56.56 30.75
N GLU A 193 -86.66 -57.27 30.38
CA GLU A 193 -87.52 -56.85 29.25
C GLU A 193 -88.30 -55.57 29.49
N ALA A 194 -88.64 -55.33 30.75
CA ALA A 194 -89.35 -54.13 31.17
C ALA A 194 -88.41 -52.92 31.13
N HIS A 195 -87.12 -53.19 30.91
CA HIS A 195 -86.07 -52.16 30.82
C HIS A 195 -85.50 -51.98 29.40
N LYS A 196 -86.22 -52.48 28.40
CA LYS A 196 -85.79 -52.34 27.02
C LYS A 196 -85.84 -50.83 26.71
N PRO A 197 -84.72 -50.23 26.25
CA PRO A 197 -84.75 -48.80 25.93
C PRO A 197 -85.65 -48.42 24.75
N GLU A 198 -86.30 -47.25 24.89
CA GLU A 198 -87.21 -46.68 23.89
C GLU A 198 -86.84 -46.96 22.44
N GLY A 199 -85.73 -46.37 22.03
CA GLY A 199 -85.27 -46.51 20.67
C GLY A 199 -84.51 -47.76 20.28
N ALA A 200 -84.34 -48.72 21.18
CA ALA A 200 -83.63 -49.94 20.79
C ALA A 200 -84.45 -50.53 19.65
N LYS A 201 -83.78 -50.82 18.54
CA LYS A 201 -84.48 -51.39 17.41
C LYS A 201 -84.05 -52.82 17.21
N GLY A 202 -84.96 -53.62 16.67
CA GLY A 202 -84.63 -55.01 16.44
C GLY A 202 -84.80 -55.81 17.71
N THR A 203 -84.35 -57.05 17.66
CA THR A 203 -84.43 -57.98 18.77
C THR A 203 -83.61 -57.53 19.98
N PHE A 204 -84.26 -57.41 21.14
CA PHE A 204 -83.59 -56.98 22.36
C PHE A 204 -82.75 -58.09 22.98
N LEU A 205 -83.37 -59.24 23.29
CA LEU A 205 -82.65 -60.38 23.86
C LEU A 205 -82.24 -61.30 22.70
N ARG A 206 -81.03 -61.11 22.18
CA ARG A 206 -80.52 -61.90 21.05
C ARG A 206 -80.29 -63.36 21.43
N SER A 207 -79.69 -63.58 22.59
CA SER A 207 -79.47 -64.95 23.08
C SER A 207 -79.28 -64.86 24.58
N VAL A 208 -79.83 -65.83 25.31
CA VAL A 208 -79.76 -65.83 26.77
C VAL A 208 -79.15 -67.15 27.25
N TYR A 209 -78.32 -67.09 28.30
CA TYR A 209 -77.62 -68.25 28.86
C TYR A 209 -77.69 -68.31 30.37
N VAL A 210 -77.59 -69.53 30.89
CA VAL A 210 -77.53 -69.78 32.32
C VAL A 210 -76.15 -70.44 32.48
N THR A 211 -75.40 -70.09 33.52
CA THR A 211 -74.07 -70.66 33.69
C THR A 211 -73.66 -70.68 35.16
N THR A 212 -72.65 -71.47 35.48
CA THR A 212 -72.10 -71.52 36.84
C THR A 212 -70.76 -70.81 36.80
N THR A 213 -70.06 -70.81 37.94
CA THR A 213 -68.75 -70.19 38.08
C THR A 213 -67.81 -70.55 36.95
N MET A 214 -67.43 -71.83 36.87
CA MET A 214 -66.54 -72.29 35.80
C MET A 214 -67.11 -73.54 35.09
N GLY A 215 -68.25 -73.37 34.44
CA GLY A 215 -68.86 -74.47 33.72
C GLY A 215 -69.31 -74.06 32.34
N PRO A 216 -69.85 -74.99 31.54
CA PRO A 216 -70.33 -74.71 30.18
C PRO A 216 -71.62 -73.88 30.29
N SER A 217 -71.96 -73.15 29.25
CA SER A 217 -73.17 -72.36 29.32
C SER A 217 -74.27 -73.20 28.71
N VAL A 218 -75.50 -72.92 29.12
CA VAL A 218 -76.67 -73.61 28.60
C VAL A 218 -77.52 -72.50 27.96
N ARG A 219 -77.86 -72.62 26.69
CA ARG A 219 -78.70 -71.61 26.06
C ARG A 219 -80.16 -71.87 26.39
N ILE A 220 -80.89 -70.82 26.77
CA ILE A 220 -82.29 -70.98 27.14
C ILE A 220 -83.26 -70.11 26.37
N ASN A 221 -84.51 -70.57 26.38
CA ASN A 221 -85.61 -69.88 25.74
C ASN A 221 -86.14 -68.94 26.83
N PRO A 222 -85.96 -67.62 26.65
CA PRO A 222 -86.39 -66.59 27.60
C PRO A 222 -87.89 -66.55 27.83
N HIS A 223 -88.63 -67.11 26.91
CA HIS A 223 -90.08 -67.09 26.98
C HIS A 223 -90.69 -68.45 27.35
N SER A 224 -90.03 -69.15 28.27
CA SER A 224 -90.52 -70.45 28.73
C SER A 224 -90.62 -70.35 30.24
N GLN B 1 33.71 -39.56 38.70
CA GLN B 1 33.56 -40.72 39.63
C GLN B 1 32.12 -40.78 40.14
N TYR B 2 31.18 -41.09 39.26
CA TYR B 2 29.79 -41.13 39.70
C TYR B 2 29.46 -42.32 40.60
N ARG B 3 29.08 -42.00 41.82
CA ARG B 3 28.77 -42.99 42.86
C ARG B 3 27.49 -43.80 42.67
N ILE B 4 27.42 -44.91 43.37
CA ILE B 4 26.30 -45.83 43.32
C ILE B 4 25.31 -45.43 44.42
N ILE B 5 24.09 -45.01 44.06
CA ILE B 5 23.09 -44.64 45.08
C ILE B 5 22.06 -45.74 45.37
N ASP B 6 21.76 -45.93 46.64
CA ASP B 6 20.81 -46.94 47.05
C ASP B 6 19.43 -46.35 47.05
N PHE B 7 18.62 -46.74 46.07
CA PHE B 7 17.25 -46.25 45.99
C PHE B 7 16.33 -47.36 46.45
N LYS B 8 16.90 -48.45 46.94
CA LYS B 8 16.13 -49.59 47.39
C LYS B 8 15.87 -49.58 48.89
N ARG B 9 16.84 -49.08 49.66
CA ARG B 9 16.73 -49.01 51.12
C ARG B 9 16.15 -50.27 51.75
N ASP B 10 16.71 -51.42 51.40
CA ASP B 10 16.21 -52.69 51.92
C ASP B 10 17.00 -53.35 53.04
N LYS B 11 17.94 -52.62 53.64
CA LYS B 11 18.74 -53.15 54.76
C LYS B 11 17.94 -52.98 56.05
N ASP B 12 16.76 -53.58 56.09
CA ASP B 12 15.88 -53.44 57.23
C ASP B 12 16.40 -54.01 58.54
N GLY B 13 16.21 -53.24 59.60
CA GLY B 13 16.62 -53.70 60.92
C GLY B 13 18.04 -53.35 61.26
N ILE B 14 18.90 -53.23 60.25
CA ILE B 14 20.30 -52.90 60.47
C ILE B 14 20.56 -51.40 60.53
N PRO B 15 20.99 -50.89 61.71
CA PRO B 15 21.29 -49.46 61.91
C PRO B 15 22.50 -48.96 61.13
N GLY B 16 22.40 -47.72 60.63
CA GLY B 16 23.47 -47.13 59.87
C GLY B 16 23.73 -45.73 60.40
N ARG B 17 24.90 -45.18 60.12
CA ARG B 17 25.25 -43.85 60.58
C ARG B 17 25.65 -42.97 59.41
N VAL B 18 25.11 -41.76 59.37
CA VAL B 18 25.45 -40.84 58.30
C VAL B 18 26.92 -40.55 58.46
N ALA B 19 27.74 -41.13 57.58
CA ALA B 19 29.17 -40.93 57.65
C ALA B 19 29.58 -39.55 57.17
N THR B 20 29.07 -39.19 56.00
CA THR B 20 29.39 -37.90 55.41
C THR B 20 28.26 -37.46 54.52
N ILE B 21 28.31 -36.20 54.11
CA ILE B 21 27.31 -35.67 53.21
C ILE B 21 28.02 -34.79 52.23
N GLU B 22 28.00 -35.20 50.97
CA GLU B 22 28.68 -34.46 49.92
C GLU B 22 27.79 -34.28 48.71
N TYR B 23 28.21 -33.35 47.86
CA TYR B 23 27.49 -33.03 46.66
C TYR B 23 27.78 -34.02 45.54
N ASP B 24 26.79 -34.27 44.70
CA ASP B 24 26.94 -35.16 43.56
C ASP B 24 26.50 -34.35 42.33
N PRO B 25 27.46 -33.81 41.57
CA PRO B 25 27.11 -33.02 40.39
C PRO B 25 26.33 -33.83 39.34
N ASN B 26 26.49 -35.15 39.34
CA ASN B 26 25.77 -36.00 38.38
C ASN B 26 24.33 -36.16 38.83
N ARG B 27 24.01 -35.65 40.03
CA ARG B 27 22.67 -35.74 40.56
C ARG B 27 22.19 -34.37 41.01
N SER B 28 23.03 -33.36 40.82
CA SER B 28 22.71 -31.98 41.20
C SER B 28 22.11 -31.95 42.61
N ALA B 29 22.42 -32.98 43.39
CA ALA B 29 21.92 -33.09 44.75
C ALA B 29 23.02 -33.61 45.67
N ASN B 30 22.74 -33.58 46.96
CA ASN B 30 23.67 -34.04 47.97
C ASN B 30 23.43 -35.50 48.23
N ILE B 31 24.48 -36.21 48.60
CA ILE B 31 24.35 -37.62 48.89
C ILE B 31 25.12 -37.86 50.17
N ALA B 32 24.71 -38.88 50.90
CA ALA B 32 25.37 -39.19 52.16
C ALA B 32 25.94 -40.59 52.15
N LEU B 33 27.06 -40.75 52.83
CA LEU B 33 27.68 -42.06 52.94
C LEU B 33 27.14 -42.62 54.23
N ILE B 34 26.60 -43.83 54.15
CA ILE B 34 26.05 -44.49 55.32
C ILE B 34 26.84 -45.74 55.68
N ASN B 35 27.32 -45.79 56.92
CA ASN B 35 28.07 -46.94 57.39
C ASN B 35 27.08 -47.75 58.22
N TYR B 36 26.84 -49.00 57.83
CA TYR B 36 25.90 -49.83 58.57
C TYR B 36 26.57 -50.67 59.66
N ALA B 37 25.81 -51.02 60.69
CA ALA B 37 26.31 -51.80 61.82
C ALA B 37 26.86 -53.18 61.43
N ASP B 38 26.67 -53.59 60.20
CA ASP B 38 27.15 -54.89 59.77
C ASP B 38 28.38 -54.79 58.88
N GLY B 39 28.88 -53.57 58.70
CA GLY B 39 30.06 -53.38 57.89
C GLY B 39 29.79 -52.85 56.49
N GLU B 40 28.56 -53.01 55.99
CA GLU B 40 28.26 -52.53 54.66
C GLU B 40 28.20 -50.99 54.59
N LYS B 41 28.60 -50.47 53.44
CA LYS B 41 28.60 -49.03 53.20
C LYS B 41 27.65 -48.79 52.05
N ARG B 42 26.95 -47.65 52.09
CA ARG B 42 26.01 -47.30 51.04
C ARG B 42 25.77 -45.79 50.98
N TYR B 43 25.46 -45.31 49.78
CA TYR B 43 25.20 -43.90 49.56
C TYR B 43 23.72 -43.72 49.38
N ILE B 44 23.21 -42.58 49.83
CA ILE B 44 21.80 -42.28 49.67
C ILE B 44 21.73 -40.81 49.38
N ILE B 45 20.61 -40.38 48.82
CA ILE B 45 20.41 -38.97 48.56
C ILE B 45 20.18 -38.43 49.95
N ALA B 46 20.85 -37.34 50.29
CA ALA B 46 20.71 -36.79 51.63
C ALA B 46 19.55 -35.83 51.72
N PRO B 47 18.52 -36.20 52.51
CA PRO B 47 17.37 -35.30 52.66
C PRO B 47 17.84 -33.95 53.20
N LYS B 48 16.94 -32.98 53.22
CA LYS B 48 17.28 -31.66 53.74
C LYS B 48 17.43 -31.76 55.25
N ASN B 49 18.42 -31.05 55.80
CA ASN B 49 18.67 -31.04 57.23
C ASN B 49 19.27 -32.33 57.85
N LEU B 50 19.67 -33.28 57.01
CA LEU B 50 20.30 -34.51 57.51
C LEU B 50 21.73 -34.12 57.86
N LYS B 51 22.23 -34.55 59.00
CA LYS B 51 23.59 -34.18 59.34
C LYS B 51 24.48 -35.38 59.67
N VAL B 52 25.78 -35.18 59.55
CA VAL B 52 26.73 -36.25 59.85
C VAL B 52 26.49 -36.64 61.28
N GLY B 53 26.54 -37.93 61.53
CA GLY B 53 26.31 -38.39 62.88
C GLY B 53 24.95 -38.98 63.15
N MSE B 54 23.89 -38.48 62.51
CA MSE B 54 22.57 -39.06 62.78
C MSE B 54 22.43 -40.48 62.25
O MSE B 54 23.02 -40.87 61.25
CB MSE B 54 21.38 -38.19 62.27
CG MSE B 54 21.67 -36.99 61.39
SE MSE B 54 20.19 -35.83 61.23
CE MSE B 54 18.85 -36.94 61.08
N GLU B 55 21.62 -41.26 62.97
CA GLU B 55 21.36 -42.65 62.65
C GLU B 55 20.26 -42.73 61.62
N ILE B 56 20.28 -43.83 60.89
CA ILE B 56 19.33 -44.08 59.83
C ILE B 56 18.87 -45.53 59.95
N MSE B 57 17.61 -45.77 59.64
CA MSE B 57 17.05 -47.11 59.68
C MSE B 57 15.98 -47.21 58.60
O MSE B 57 15.47 -46.20 58.11
CB MSE B 57 16.43 -47.46 61.05
CG MSE B 57 17.02 -48.73 61.66
SE MSE B 57 15.99 -49.46 62.97
CE MSE B 57 15.32 -48.04 63.75
N SER B 58 15.62 -48.44 58.24
CA SER B 58 14.59 -48.63 57.23
C SER B 58 13.75 -49.81 57.68
N GLY B 59 12.54 -49.92 57.13
CA GLY B 59 11.68 -51.02 57.52
C GLY B 59 10.51 -50.57 58.37
N PRO B 60 9.58 -51.46 58.67
CA PRO B 60 8.38 -51.20 59.47
C PRO B 60 8.61 -50.61 60.87
N ASP B 61 9.72 -50.98 61.50
CA ASP B 61 10.03 -50.48 62.85
C ASP B 61 10.88 -49.23 62.86
N ALA B 62 11.27 -48.75 61.69
CA ALA B 62 12.10 -47.56 61.64
C ALA B 62 11.43 -46.40 62.38
N ASP B 63 12.27 -45.53 62.92
CA ASP B 63 11.78 -44.37 63.62
C ASP B 63 11.38 -43.37 62.53
N ILE B 64 10.34 -42.56 62.74
CA ILE B 64 9.97 -41.58 61.71
C ILE B 64 10.93 -40.40 61.80
N LYS B 65 12.04 -40.53 61.09
CA LYS B 65 13.08 -39.51 61.09
C LYS B 65 13.55 -39.28 59.66
N ILE B 66 13.87 -38.05 59.33
CA ILE B 66 14.34 -37.75 58.00
C ILE B 66 15.43 -38.76 57.64
N GLY B 67 15.38 -39.26 56.41
CA GLY B 67 16.39 -40.20 55.98
C GLY B 67 16.00 -41.65 56.18
N ASN B 68 15.00 -41.87 57.02
CA ASN B 68 14.55 -43.24 57.28
C ASN B 68 13.56 -43.63 56.17
N ALA B 69 13.58 -44.90 55.81
CA ALA B 69 12.73 -45.43 54.75
C ALA B 69 11.78 -46.52 55.26
N LEU B 70 10.49 -46.33 55.06
CA LEU B 70 9.53 -47.32 55.51
C LEU B 70 8.39 -47.48 54.55
N PRO B 71 7.64 -48.59 54.67
CA PRO B 71 6.50 -48.81 53.79
C PRO B 71 5.53 -47.67 54.07
N LEU B 72 4.91 -47.12 53.03
CA LEU B 72 3.99 -46.01 53.21
C LEU B 72 2.96 -46.20 54.33
N GLU B 73 2.54 -47.45 54.53
CA GLU B 73 1.56 -47.74 55.57
C GLU B 73 2.07 -47.46 56.97
N ASN B 74 3.38 -47.39 57.14
CA ASN B 74 3.97 -47.15 58.45
C ASN B 74 4.33 -45.69 58.64
N ILE B 75 3.85 -44.84 57.74
CA ILE B 75 4.19 -43.43 57.82
C ILE B 75 3.01 -42.53 58.20
N PRO B 76 3.22 -41.63 59.18
CA PRO B 76 2.21 -40.68 59.68
C PRO B 76 1.69 -39.69 58.65
N VAL B 77 0.36 -39.56 58.60
CA VAL B 77 -0.25 -38.63 57.68
C VAL B 77 0.35 -37.27 57.93
N GLY B 78 0.63 -36.54 56.85
CA GLY B 78 1.18 -35.21 57.02
C GLY B 78 2.68 -35.18 56.85
N THR B 79 3.33 -36.33 56.87
CA THR B 79 4.77 -36.34 56.71
C THR B 79 5.18 -36.18 55.24
N LEU B 80 6.26 -35.44 55.03
CA LEU B 80 6.78 -35.23 53.69
C LEU B 80 7.66 -36.41 53.28
N VAL B 81 7.57 -36.81 52.03
CA VAL B 81 8.38 -37.93 51.58
C VAL B 81 8.90 -37.80 50.17
N HIS B 82 9.91 -38.63 49.88
CA HIS B 82 10.53 -38.65 48.57
C HIS B 82 10.98 -40.08 48.26
N ASN B 83 11.54 -40.26 47.06
CA ASN B 83 11.99 -41.57 46.60
C ASN B 83 10.86 -42.55 46.84
N ILE B 84 9.69 -42.21 46.32
CA ILE B 84 8.53 -43.05 46.51
C ILE B 84 8.48 -44.25 45.58
N GLU B 85 8.25 -45.41 46.20
CA GLU B 85 8.17 -46.67 45.49
C GLU B 85 6.78 -46.88 44.93
N LEU B 86 6.74 -47.33 43.68
CA LEU B 86 5.47 -47.58 43.01
C LEU B 86 5.16 -49.06 43.06
N LYS B 87 6.21 -49.87 43.19
CA LYS B 87 6.04 -51.31 43.27
C LYS B 87 6.87 -51.85 44.41
N PRO B 88 6.24 -52.40 45.44
CA PRO B 88 6.98 -52.94 46.58
C PRO B 88 8.26 -53.65 46.12
N GLY B 89 9.37 -53.29 46.74
CA GLY B 89 10.65 -53.90 46.41
C GLY B 89 11.19 -53.71 45.00
N ARG B 90 10.94 -52.53 44.42
CA ARG B 90 11.39 -52.23 43.07
C ARG B 90 12.14 -50.92 43.15
N GLY B 91 12.32 -50.46 44.38
CA GLY B 91 13.02 -49.20 44.61
C GLY B 91 12.12 -48.05 44.25
N GLY B 92 12.51 -46.86 44.70
CA GLY B 92 11.75 -45.66 44.42
C GLY B 92 11.91 -45.19 42.99
N GLN B 93 10.81 -44.80 42.37
CA GLN B 93 10.84 -44.32 41.00
C GLN B 93 10.30 -42.92 40.95
N LEU B 94 9.74 -42.46 42.07
CA LEU B 94 9.21 -41.11 42.12
C LEU B 94 9.89 -40.22 43.16
N VAL B 95 10.36 -39.06 42.69
CA VAL B 95 11.07 -38.04 43.48
C VAL B 95 12.44 -38.50 43.96
N ARG B 96 12.98 -39.50 43.28
CA ARG B 96 14.27 -40.09 43.59
C ARG B 96 15.29 -39.16 44.21
N ALA B 97 15.54 -38.01 43.59
CA ALA B 97 16.53 -37.09 44.14
C ALA B 97 16.42 -35.66 43.63
N ALA B 98 15.41 -35.39 42.81
CA ALA B 98 15.26 -34.06 42.28
C ALA B 98 13.80 -33.66 42.35
N GLY B 99 13.56 -32.40 42.72
CA GLY B 99 12.19 -31.90 42.79
C GLY B 99 11.70 -31.40 44.13
N THR B 100 10.53 -31.90 44.53
CA THR B 100 9.92 -31.53 45.78
C THR B 100 9.24 -32.74 46.36
N SER B 101 9.54 -33.05 47.62
CA SER B 101 8.96 -34.21 48.30
C SER B 101 7.43 -34.16 48.32
N ALA B 102 6.81 -35.31 48.05
CA ALA B 102 5.36 -35.41 48.05
C ALA B 102 4.90 -35.31 49.49
N GLN B 103 3.71 -35.81 49.79
CA GLN B 103 3.21 -35.75 51.14
C GLN B 103 2.07 -36.73 51.38
N VAL B 104 2.13 -37.46 52.48
CA VAL B 104 1.07 -38.41 52.80
C VAL B 104 -0.15 -37.62 53.25
N LEU B 105 -1.30 -37.89 52.62
CA LEU B 105 -2.54 -37.18 52.94
C LEU B 105 -3.58 -38.05 53.64
N GLY B 106 -3.51 -39.35 53.40
CA GLY B 106 -4.45 -40.24 54.02
C GLY B 106 -4.10 -41.69 53.72
N LYS B 107 -4.59 -42.58 54.57
CA LYS B 107 -4.35 -44.01 54.41
C LYS B 107 -5.71 -44.69 54.37
N GLU B 108 -5.95 -45.52 53.36
CA GLU B 108 -7.23 -46.20 53.22
C GLU B 108 -7.06 -47.66 52.83
N GLY B 109 -7.38 -48.54 53.77
CA GLY B 109 -7.26 -49.97 53.50
C GLY B 109 -5.83 -50.31 53.15
N LYS B 110 -5.63 -50.85 51.96
CA LYS B 110 -4.30 -51.22 51.50
C LYS B 110 -3.64 -50.14 50.65
N TYR B 111 -4.15 -48.91 50.77
CA TYR B 111 -3.61 -47.80 50.00
C TYR B 111 -3.20 -46.63 50.86
N VAL B 112 -2.30 -45.83 50.32
CA VAL B 112 -1.81 -44.64 50.99
C VAL B 112 -1.90 -43.51 49.96
N ILE B 113 -2.78 -42.54 50.20
CA ILE B 113 -2.93 -41.43 49.27
C ILE B 113 -1.83 -40.40 49.49
N VAL B 114 -1.20 -40.01 48.38
CA VAL B 114 -0.11 -39.06 48.43
C VAL B 114 -0.24 -37.96 47.42
N ARG B 115 0.03 -36.74 47.87
CA ARG B 115 -0.05 -35.58 46.99
C ARG B 115 1.35 -35.14 46.56
N LEU B 116 1.68 -35.34 45.29
CA LEU B 116 2.97 -34.95 44.75
C LEU B 116 3.06 -33.44 44.77
N ALA B 117 4.29 -32.94 44.77
CA ALA B 117 4.52 -31.49 44.78
C ALA B 117 3.76 -30.73 43.69
N SER B 118 3.38 -31.44 42.62
CA SER B 118 2.66 -30.84 41.50
C SER B 118 1.16 -30.75 41.75
N GLY B 119 0.74 -30.95 43.00
CA GLY B 119 -0.68 -30.89 43.31
C GLY B 119 -1.33 -32.20 42.95
N GLU B 120 -0.60 -33.00 42.19
CA GLU B 120 -1.05 -34.30 41.73
C GLU B 120 -1.28 -35.21 42.93
N VAL B 121 -2.31 -36.04 42.84
CA VAL B 121 -2.63 -36.96 43.93
C VAL B 121 -2.67 -38.41 43.47
N ARG B 122 -2.01 -39.30 44.21
CA ARG B 122 -1.95 -40.72 43.84
C ARG B 122 -2.20 -41.66 45.01
N MSE B 123 -2.88 -42.77 44.75
CA MSE B 123 -3.11 -43.73 45.82
C MSE B 123 -2.22 -44.93 45.58
O MSE B 123 -2.55 -45.83 44.81
CB MSE B 123 -4.60 -44.15 45.91
CG MSE B 123 -5.30 -44.52 44.58
SE MSE B 123 -7.09 -44.93 44.88
CE MSE B 123 -7.02 -46.68 45.03
N ILE B 124 -1.07 -44.92 46.26
CA ILE B 124 -0.07 -45.99 46.17
C ILE B 124 -0.30 -47.03 47.24
N LEU B 125 0.08 -48.27 46.93
CA LEU B 125 -0.07 -49.37 47.87
C LEU B 125 0.84 -49.18 49.08
N GLY B 126 0.24 -49.26 50.27
CA GLY B 126 0.98 -49.10 51.50
C GLY B 126 2.27 -49.90 51.59
N LYS B 127 2.34 -51.00 50.83
CA LYS B 127 3.51 -51.87 50.83
C LYS B 127 4.70 -51.16 50.19
N CYS B 128 4.40 -50.16 49.37
CA CYS B 128 5.46 -49.41 48.72
C CYS B 128 6.16 -48.54 49.76
N ARG B 129 7.48 -48.46 49.64
CA ARG B 129 8.27 -47.66 50.58
C ARG B 129 8.53 -46.23 50.10
N ALA B 130 8.93 -45.39 51.04
CA ALA B 130 9.26 -43.99 50.77
C ALA B 130 10.17 -43.47 51.89
N THR B 131 11.06 -42.52 51.57
CA THR B 131 11.96 -41.96 52.57
C THR B 131 11.43 -40.68 53.15
N VAL B 132 11.49 -40.57 54.47
CA VAL B 132 11.02 -39.38 55.14
C VAL B 132 12.00 -38.25 54.89
N GLY B 133 11.48 -37.07 54.57
CA GLY B 133 12.35 -35.93 54.33
C GLY B 133 12.10 -35.17 53.06
N GLU B 134 12.78 -34.04 52.92
CA GLU B 134 12.63 -33.20 51.75
C GLU B 134 13.82 -33.28 50.83
N VAL B 135 13.55 -33.51 49.56
CA VAL B 135 14.60 -33.59 48.56
C VAL B 135 14.61 -32.27 47.79
N PRO C 1 40.58 61.71 -86.99
CA PRO C 1 42.03 61.83 -86.99
C PRO C 1 42.50 62.85 -85.96
N ILE C 2 43.82 62.84 -85.66
CA ILE C 2 44.42 63.79 -84.73
C ILE C 2 45.19 64.84 -85.50
N GLU C 3 44.86 66.09 -85.24
CA GLU C 3 45.53 67.17 -85.92
C GLU C 3 46.97 67.35 -85.39
N ILE C 4 47.94 67.44 -86.30
CA ILE C 4 49.32 67.67 -85.94
C ILE C 4 49.54 69.18 -85.93
N PRO C 5 49.66 69.79 -84.75
CA PRO C 5 49.85 71.22 -84.71
C PRO C 5 51.21 71.57 -85.26
N ALA C 6 51.47 72.86 -85.39
CA ALA C 6 52.73 73.34 -85.92
C ALA C 6 53.88 73.09 -84.96
N GLY C 7 55.06 72.86 -85.50
CA GLY C 7 56.21 72.61 -84.65
C GLY C 7 56.29 71.16 -84.20
N VAL C 8 55.20 70.41 -84.43
CA VAL C 8 55.16 69.02 -84.02
C VAL C 8 55.51 68.06 -85.16
N THR C 9 56.43 67.14 -84.91
CA THR C 9 56.83 66.12 -85.87
C THR C 9 56.36 64.74 -85.34
N VAL C 10 55.59 64.00 -86.15
CA VAL C 10 55.12 62.67 -85.76
C VAL C 10 55.77 61.61 -86.65
N THR C 11 56.30 60.56 -86.03
CA THR C 11 56.95 59.49 -86.78
C THR C 11 56.33 58.16 -86.37
N VAL C 12 55.99 57.33 -87.33
CA VAL C 12 55.39 56.03 -87.08
C VAL C 12 56.24 54.93 -87.69
N ASN C 13 56.48 53.87 -86.94
CA ASN C 13 57.28 52.75 -87.40
C ASN C 13 56.65 51.50 -86.83
N GLY C 14 55.72 50.90 -87.57
CA GLY C 14 55.08 49.71 -87.06
C GLY C 14 54.14 50.12 -85.95
N ASN C 15 54.32 49.60 -84.75
CA ASN C 15 53.42 49.98 -83.66
C ASN C 15 53.98 51.00 -82.70
N THR C 16 55.14 51.55 -83.02
CA THR C 16 55.81 52.53 -82.19
C THR C 16 55.63 53.92 -82.81
N VAL C 17 55.17 54.87 -82.02
CA VAL C 17 54.98 56.24 -82.47
C VAL C 17 55.84 57.21 -81.70
N THR C 18 56.57 58.06 -82.42
CA THR C 18 57.38 59.11 -81.79
C THR C 18 56.82 60.49 -82.16
N VAL C 19 56.56 61.31 -81.15
CA VAL C 19 56.05 62.66 -81.34
C VAL C 19 57.04 63.63 -80.68
N LYS C 20 57.46 64.64 -81.41
CA LYS C 20 58.39 65.64 -80.90
C LYS C 20 57.71 66.96 -80.99
N GLY C 21 58.09 67.88 -80.11
CA GLY C 21 57.53 69.22 -80.12
C GLY C 21 58.34 70.15 -79.24
N PRO C 22 57.92 71.41 -79.10
CA PRO C 22 58.66 72.36 -78.26
C PRO C 22 58.79 71.94 -76.81
N LYS C 23 57.76 71.29 -76.28
CA LYS C 23 57.77 70.89 -74.88
C LYS C 23 58.40 69.55 -74.57
N GLY C 24 58.83 68.80 -75.58
CA GLY C 24 59.45 67.50 -75.34
C GLY C 24 59.28 66.48 -76.47
N GLU C 25 59.71 65.24 -76.24
CA GLU C 25 59.62 64.19 -77.24
C GLU C 25 59.13 62.94 -76.52
N LEU C 26 58.19 62.20 -77.09
CA LEU C 26 57.64 61.01 -76.45
C LEU C 26 57.49 59.91 -77.47
N THR C 27 57.86 58.69 -77.08
CA THR C 27 57.76 57.50 -77.92
C THR C 27 56.85 56.54 -77.22
N ARG C 28 55.88 56.00 -77.96
CA ARG C 28 54.94 55.07 -77.37
C ARG C 28 54.57 53.95 -78.34
N THR C 29 54.38 52.76 -77.79
CA THR C 29 53.97 51.61 -78.57
C THR C 29 52.46 51.39 -78.34
N PHE C 30 51.77 50.95 -79.39
CA PHE C 30 50.33 50.71 -79.31
C PHE C 30 49.97 49.28 -79.68
N HIS C 31 48.73 48.90 -79.39
CA HIS C 31 48.24 47.58 -79.67
C HIS C 31 48.42 47.21 -81.16
N PRO C 32 49.11 46.11 -81.43
CA PRO C 32 49.40 45.60 -82.76
C PRO C 32 48.24 45.66 -83.74
N ASP C 33 47.04 45.35 -83.29
CA ASP C 33 45.87 45.35 -84.14
C ASP C 33 45.48 46.70 -84.70
N MET C 34 45.99 47.77 -84.11
CA MET C 34 45.68 49.12 -84.57
C MET C 34 46.68 49.61 -85.63
N THR C 35 46.20 50.24 -86.68
CA THR C 35 47.09 50.79 -87.72
C THR C 35 47.06 52.29 -87.56
N ILE C 36 48.25 52.87 -87.41
CA ILE C 36 48.43 54.29 -87.22
C ILE C 36 49.20 54.84 -88.42
N THR C 37 48.67 55.90 -89.01
CA THR C 37 49.30 56.52 -90.18
C THR C 37 49.24 58.04 -90.14
N VAL C 38 50.31 58.68 -90.59
CA VAL C 38 50.35 60.14 -90.67
C VAL C 38 49.83 60.47 -92.08
N GLU C 39 48.59 60.91 -92.14
CA GLU C 39 47.94 61.26 -93.41
C GLU C 39 48.22 62.75 -93.65
N GLY C 40 49.41 63.05 -94.16
CA GLY C 40 49.80 64.44 -94.41
C GLY C 40 49.91 65.28 -93.14
N ASN C 41 48.82 65.96 -92.81
CA ASN C 41 48.71 66.84 -91.65
C ASN C 41 47.94 66.29 -90.43
N VAL C 42 47.42 65.06 -90.52
CA VAL C 42 46.69 64.42 -89.41
C VAL C 42 47.10 62.97 -89.20
N ILE C 43 46.94 62.49 -87.98
CA ILE C 43 47.28 61.12 -87.62
C ILE C 43 45.96 60.40 -87.69
N THR C 44 45.91 59.28 -88.38
CA THR C 44 44.69 58.54 -88.48
C THR C 44 44.87 57.16 -87.80
N VAL C 45 43.84 56.65 -87.12
CA VAL C 45 43.91 55.32 -86.49
C VAL C 45 42.86 54.41 -87.19
N THR C 46 43.26 53.25 -87.70
CA THR C 46 42.33 52.35 -88.39
C THR C 46 42.30 51.05 -87.64
N ARG C 47 41.13 50.64 -87.18
CA ARG C 47 40.97 49.34 -86.49
C ARG C 47 40.71 48.26 -87.57
N PRO C 48 41.05 47.01 -87.30
CA PRO C 48 40.87 45.91 -88.25
C PRO C 48 39.40 45.46 -88.50
N SER C 49 38.56 45.60 -87.49
CA SER C 49 37.16 45.20 -87.60
C SER C 49 36.21 46.13 -86.83
N ASP C 50 34.94 45.77 -86.82
CA ASP C 50 33.93 46.56 -86.13
C ASP C 50 33.40 45.88 -84.87
N GLU C 51 34.11 44.86 -84.39
CA GLU C 51 33.64 44.22 -83.19
C GLU C 51 33.80 45.24 -82.07
N LYS C 52 33.34 44.89 -80.87
CA LYS C 52 33.44 45.79 -79.73
C LYS C 52 34.86 46.05 -79.24
N HIS C 53 35.61 45.00 -78.97
CA HIS C 53 36.96 45.15 -78.45
C HIS C 53 37.83 46.08 -79.30
N HIS C 54 37.59 46.05 -80.61
CA HIS C 54 38.33 46.89 -81.52
C HIS C 54 37.85 48.32 -81.43
N ARG C 55 36.53 48.49 -81.36
CA ARG C 55 35.96 49.83 -81.25
C ARG C 55 36.50 50.51 -79.99
N ALA C 56 36.66 49.73 -78.92
CA ALA C 56 37.17 50.22 -77.64
C ALA C 56 38.66 50.50 -77.74
N LEU C 57 39.37 49.63 -78.44
CA LEU C 57 40.81 49.80 -78.64
C LEU C 57 41.08 51.08 -79.45
N HIS C 58 40.26 51.29 -80.46
CA HIS C 58 40.32 52.42 -81.38
C HIS C 58 40.23 53.77 -80.67
N GLY C 59 39.23 53.94 -79.81
CA GLY C 59 39.05 55.17 -79.04
C GLY C 59 40.15 55.37 -78.01
N THR C 60 40.60 54.28 -77.39
CA THR C 60 41.67 54.32 -76.39
C THR C 60 43.02 54.74 -77.03
N THR C 61 43.32 54.17 -78.21
CA THR C 61 44.54 54.48 -78.99
C THR C 61 44.51 55.96 -79.41
N ARG C 62 43.35 56.41 -79.89
CA ARG C 62 43.14 57.77 -80.32
C ARG C 62 43.41 58.76 -79.18
N SER C 63 42.86 58.47 -78.01
CA SER C 63 43.07 59.35 -76.85
C SER C 63 44.54 59.48 -76.50
N LEU C 64 45.24 58.35 -76.37
CA LEU C 64 46.66 58.33 -76.05
C LEU C 64 47.45 59.21 -77.00
N LEU C 65 47.13 59.12 -78.29
CA LEU C 65 47.83 59.93 -79.27
C LEU C 65 47.53 61.40 -79.06
N ALA C 66 46.25 61.72 -78.86
CA ALA C 66 45.84 63.09 -78.63
C ALA C 66 46.66 63.70 -77.49
N ASN C 67 46.70 62.99 -76.37
CA ASN C 67 47.46 63.43 -75.19
C ASN C 67 48.98 63.51 -75.41
N MET C 68 49.51 62.68 -76.31
CA MET C 68 50.94 62.70 -76.64
C MET C 68 51.18 63.99 -77.41
N VAL C 69 50.21 64.34 -78.27
CA VAL C 69 50.30 65.56 -79.07
C VAL C 69 50.14 66.80 -78.16
N GLU C 70 49.26 66.71 -77.15
CA GLU C 70 49.05 67.81 -76.22
C GLU C 70 50.28 68.06 -75.35
N GLY C 71 50.92 66.98 -74.89
CA GLY C 71 52.11 67.06 -74.06
C GLY C 71 53.33 67.76 -74.65
N VAL C 72 53.68 67.42 -75.88
CA VAL C 72 54.84 68.04 -76.54
C VAL C 72 54.53 69.40 -77.12
N SER C 73 53.26 69.75 -77.21
CA SER C 73 52.93 71.05 -77.76
C SER C 73 52.60 72.02 -76.65
N LYS C 74 51.69 71.61 -75.78
CA LYS C 74 51.27 72.43 -74.67
C LYS C 74 52.00 72.09 -73.37
N GLY C 75 54.13 72.48 -73.57
CA GLY C 75 54.68 71.90 -72.36
C GLY C 75 53.62 71.62 -71.28
N TYR C 76 53.11 69.55 -69.92
CA TYR C 76 52.03 69.14 -69.01
C TYR C 76 52.51 69.28 -67.58
N GLU C 77 51.59 69.39 -66.63
CA GLU C 77 51.99 69.49 -65.23
C GLU C 77 50.98 68.97 -64.26
N LYS C 78 51.43 68.56 -63.08
CA LYS C 78 50.53 68.05 -62.05
C LYS C 78 51.06 68.63 -60.73
N ALA C 79 50.18 69.28 -59.96
CA ALA C 79 50.56 69.85 -58.67
C ALA C 79 50.15 69.01 -57.46
N LEU C 80 50.94 69.07 -56.40
CA LEU C 80 50.71 68.34 -55.13
C LEU C 80 50.88 69.38 -54.02
N GLU C 81 50.27 69.12 -52.87
CA GLU C 81 50.40 70.03 -51.74
C GLU C 81 50.71 69.26 -50.44
N LEU C 82 51.50 69.86 -49.57
CA LEU C 82 51.87 69.26 -48.30
C LEU C 82 50.94 69.80 -47.22
N VAL C 83 50.42 68.91 -46.38
CA VAL C 83 49.55 69.36 -45.30
C VAL C 83 50.06 68.74 -44.01
N GLY C 84 50.45 69.60 -43.09
CA GLY C 84 50.95 69.10 -41.83
C GLY C 84 52.00 70.04 -41.29
N VAL C 85 51.96 70.29 -39.99
CA VAL C 85 52.92 71.21 -39.41
C VAL C 85 54.33 70.63 -39.48
N GLY C 86 55.27 71.41 -40.03
CA GLY C 86 56.65 70.97 -40.18
C GLY C 86 56.92 70.30 -41.53
N TYR C 87 55.84 70.01 -42.24
CA TYR C 87 55.92 69.37 -43.56
C TYR C 87 56.32 70.40 -44.58
N ARG C 88 57.47 70.19 -45.21
CA ARG C 88 57.93 71.11 -46.23
C ARG C 88 58.82 70.46 -47.27
N ALA C 89 58.83 71.10 -48.45
CA ALA C 89 59.60 70.69 -49.61
C ALA C 89 60.59 71.77 -50.03
N SER C 90 61.72 71.37 -50.58
CA SER C 90 62.71 72.33 -51.06
C SER C 90 63.44 71.71 -52.24
N LYS C 91 64.09 72.56 -53.02
CA LYS C 91 64.84 72.10 -54.16
C LYS C 91 66.34 72.22 -53.89
N GLN C 92 67.04 71.09 -53.88
CA GLN C 92 68.48 71.06 -53.65
C GLN C 92 69.08 70.43 -54.90
N GLY C 93 69.39 71.25 -55.89
CA GLY C 93 69.93 70.74 -57.13
C GLY C 93 68.76 70.26 -57.96
N LYS C 94 68.92 69.14 -58.67
CA LYS C 94 67.81 68.64 -59.47
C LYS C 94 66.88 67.87 -58.50
N LYS C 95 67.36 67.65 -57.29
CA LYS C 95 66.60 66.91 -56.30
C LYS C 95 65.53 67.64 -55.50
N LEU C 96 64.43 66.92 -55.28
CA LEU C 96 63.31 67.35 -54.45
C LEU C 96 63.62 66.80 -53.06
N VAL C 97 63.61 67.64 -52.02
CA VAL C 97 63.90 67.19 -50.66
C VAL C 97 62.61 67.35 -49.89
N LEU C 98 62.11 66.26 -49.32
CA LEU C 98 60.86 66.27 -48.56
C LEU C 98 61.07 66.05 -47.07
N SER C 99 60.45 66.89 -46.26
CA SER C 99 60.50 66.74 -44.81
C SER C 99 59.03 66.47 -44.52
N VAL C 100 58.67 65.21 -44.36
CA VAL C 100 57.28 64.79 -44.11
C VAL C 100 57.04 63.91 -42.88
N GLY C 101 57.65 64.27 -41.76
CA GLY C 101 57.40 63.53 -40.53
C GLY C 101 58.10 62.21 -40.29
N TYR C 102 59.23 61.97 -40.94
CA TYR C 102 60.02 60.75 -40.72
C TYR C 102 61.24 61.24 -39.99
N SER C 103 62.11 60.37 -39.50
CA SER C 103 63.28 60.89 -38.78
C SER C 103 64.16 61.74 -39.71
N HIS C 104 64.28 61.31 -40.98
CA HIS C 104 65.11 62.01 -41.97
C HIS C 104 64.33 62.36 -43.24
N PRO C 105 64.87 63.30 -44.04
CA PRO C 105 64.20 63.68 -45.29
C PRO C 105 64.21 62.66 -46.40
N VAL C 106 63.26 62.75 -47.32
CA VAL C 106 63.15 61.88 -48.47
C VAL C 106 63.59 62.71 -49.69
N GLU C 107 64.56 62.21 -50.44
CA GLU C 107 65.07 62.92 -51.61
C GLU C 107 64.68 62.19 -52.89
N ILE C 108 64.08 62.92 -53.83
CA ILE C 108 63.66 62.34 -55.09
C ILE C 108 64.30 63.08 -56.25
N GLU C 109 64.86 62.33 -57.16
CA GLU C 109 65.49 62.92 -58.30
C GLU C 109 64.69 62.52 -59.54
N PRO C 110 64.17 63.48 -60.30
CA PRO C 110 63.42 63.09 -61.48
C PRO C 110 64.30 62.47 -62.54
N GLU C 111 63.69 61.64 -63.36
CA GLU C 111 64.39 61.01 -64.44
C GLU C 111 64.54 62.01 -65.56
N GLU C 112 65.17 61.57 -66.65
CA GLU C 112 65.35 62.43 -67.80
C GLU C 112 64.00 62.78 -68.43
N GLY C 113 63.85 64.05 -68.78
CA GLY C 113 62.62 64.51 -69.39
C GLY C 113 61.60 65.03 -68.38
N LEU C 114 61.90 64.93 -67.06
CA LEU C 114 60.97 65.39 -66.00
C LEU C 114 61.58 66.46 -65.09
N GLU C 115 60.76 67.44 -64.69
CA GLU C 115 61.16 68.51 -63.81
C GLU C 115 60.22 68.57 -62.62
N ILE C 116 60.74 69.08 -61.52
CA ILE C 116 59.93 69.21 -60.32
C ILE C 116 60.24 70.60 -59.84
N GLU C 117 59.20 71.40 -59.63
CA GLU C 117 59.39 72.74 -59.15
C GLU C 117 58.70 72.85 -57.80
N VAL C 118 59.26 73.67 -56.92
CA VAL C 118 58.73 73.88 -55.57
C VAL C 118 58.60 75.41 -55.40
N PRO C 119 57.49 76.00 -55.85
CA PRO C 119 57.28 77.45 -55.75
C PRO C 119 57.07 78.01 -54.33
N SER C 120 56.58 77.17 -53.42
CA SER C 120 56.39 77.54 -52.04
C SER C 120 56.68 76.23 -51.30
N GLN C 121 57.03 76.30 -50.03
CA GLN C 121 57.35 75.09 -49.28
C GLN C 121 56.26 74.03 -49.13
N THR C 122 55.05 74.33 -49.53
CA THR C 122 54.02 73.34 -49.39
C THR C 122 53.38 72.98 -50.71
N LYS C 123 54.03 73.37 -51.81
CA LYS C 123 53.53 73.08 -53.15
C LYS C 123 54.62 72.51 -54.01
N ILE C 124 54.31 71.42 -54.70
CA ILE C 124 55.26 70.74 -55.58
C ILE C 124 54.61 70.65 -56.98
N ILE C 125 55.32 71.01 -58.05
CA ILE C 125 54.78 70.89 -59.40
C ILE C 125 55.67 69.98 -60.22
N VAL C 126 55.08 68.93 -60.83
CA VAL C 126 55.86 68.04 -61.68
C VAL C 126 55.47 68.40 -63.10
N LYS C 127 56.47 68.51 -63.98
CA LYS C 127 56.21 68.85 -65.36
C LYS C 127 57.11 68.18 -66.36
N GLY C 128 56.59 68.03 -67.56
CA GLY C 128 57.32 67.42 -68.63
C GLY C 128 56.42 67.31 -69.85
N ALA C 129 56.97 66.74 -70.92
CA ALA C 129 56.28 66.59 -72.19
C ALA C 129 55.39 65.37 -72.29
N ASP C 130 55.69 64.35 -71.51
CA ASP C 130 54.92 63.13 -71.53
C ASP C 130 53.90 63.19 -70.39
N LYS C 131 52.62 63.33 -70.73
CA LYS C 131 51.52 63.38 -69.75
C LYS C 131 51.48 62.17 -68.80
N GLN C 132 51.83 61.02 -69.34
CA GLN C 132 51.83 59.80 -68.56
C GLN C 132 52.94 59.79 -67.53
N ARG C 133 54.15 60.11 -67.97
CA ARG C 133 55.30 60.10 -67.08
C ARG C 133 55.15 61.14 -65.98
N VAL C 134 54.44 62.23 -66.30
CA VAL C 134 54.20 63.30 -65.34
C VAL C 134 53.22 62.75 -64.29
N GLY C 135 52.17 62.06 -64.77
CA GLY C 135 51.18 61.50 -63.89
C GLY C 135 51.81 60.49 -62.95
N GLU C 136 52.66 59.62 -63.50
CA GLU C 136 53.35 58.58 -62.74
C GLU C 136 54.35 59.09 -61.66
N LEU C 137 55.16 60.11 -61.96
CA LEU C 137 56.06 60.62 -60.95
C LEU C 137 55.28 61.34 -59.81
N ALA C 138 54.24 62.08 -60.15
CA ALA C 138 53.43 62.75 -59.14
C ALA C 138 52.73 61.73 -58.23
N ALA C 139 52.35 60.56 -58.75
CA ALA C 139 51.72 59.50 -57.93
C ALA C 139 52.74 58.86 -57.02
N ASN C 140 53.97 58.78 -57.49
CA ASN C 140 55.07 58.22 -56.71
C ASN C 140 55.49 59.15 -55.58
N ILE C 141 55.43 60.46 -55.83
CA ILE C 141 55.75 61.43 -54.78
C ILE C 141 54.68 61.37 -53.69
N ARG C 142 53.42 61.45 -54.10
CA ARG C 142 52.32 61.37 -53.14
C ARG C 142 52.38 60.09 -52.27
N ALA C 143 52.78 58.99 -52.90
CA ALA C 143 52.93 57.69 -52.24
C ALA C 143 54.01 57.65 -51.15
N VAL C 144 54.89 58.66 -51.11
CA VAL C 144 55.92 58.71 -50.06
C VAL C 144 55.22 58.83 -48.72
N ARG C 145 54.18 59.64 -48.68
CA ARG C 145 53.38 59.79 -47.50
C ARG C 145 52.03 60.37 -47.85
N PRO C 146 51.10 59.49 -48.24
CA PRO C 146 49.73 59.87 -48.61
C PRO C 146 48.97 60.47 -47.39
N PRO C 147 47.86 61.17 -47.59
CA PRO C 147 47.04 61.81 -46.55
C PRO C 147 46.50 60.84 -45.51
N GLU C 148 46.68 61.11 -44.23
CA GLU C 148 46.14 60.24 -43.17
C GLU C 148 44.75 60.72 -42.84
N PRO C 149 43.84 59.77 -42.62
CA PRO C 149 42.42 59.96 -42.30
C PRO C 149 41.97 60.82 -41.13
N TYR C 150 42.75 60.92 -40.08
CA TYR C 150 42.26 61.66 -38.94
C TYR C 150 42.43 63.16 -39.07
N LYS C 151 43.50 63.57 -39.73
CA LYS C 151 43.77 64.98 -39.86
C LYS C 151 44.15 65.44 -41.27
N GLY C 152 44.27 64.51 -42.20
CA GLY C 152 44.60 64.85 -43.57
C GLY C 152 46.03 65.23 -43.81
N LYS C 153 46.93 64.86 -42.91
CA LYS C 153 48.35 65.16 -43.07
C LYS C 153 48.95 64.23 -44.10
N GLY C 154 49.97 64.72 -44.79
CA GLY C 154 50.64 63.93 -45.80
C GLY C 154 50.71 64.76 -47.06
N ILE C 155 50.87 64.09 -48.19
CA ILE C 155 50.95 64.72 -49.50
C ILE C 155 49.66 64.39 -50.25
N ARG C 156 49.03 65.38 -50.89
CA ARG C 156 47.81 65.10 -51.63
C ARG C 156 47.93 65.85 -52.96
N TYR C 157 47.17 65.42 -53.95
CA TYR C 157 47.17 66.13 -55.21
C TYR C 157 46.55 67.50 -54.88
N GLU C 158 46.82 68.51 -55.70
CA GLU C 158 46.32 69.86 -55.47
C GLU C 158 44.82 69.92 -55.13
N GLY C 159 43.98 69.33 -55.98
CA GLY C 159 42.56 69.37 -55.66
C GLY C 159 42.00 68.10 -54.99
N GLU C 160 42.82 67.39 -54.22
CA GLU C 160 42.38 66.15 -53.59
C GLU C 160 41.42 66.28 -52.44
N LEU C 161 40.23 65.73 -52.64
CA LEU C 161 39.15 65.74 -51.64
C LEU C 161 39.43 64.70 -50.61
N VAL C 162 40.01 65.11 -49.48
CA VAL C 162 40.27 64.14 -48.42
C VAL C 162 39.69 64.73 -47.11
N ARG C 163 38.41 64.45 -46.93
CA ARG C 163 37.72 64.89 -45.77
C ARG C 163 38.17 64.09 -44.55
N LEU C 164 38.49 64.82 -43.48
CA LEU C 164 38.98 64.19 -42.25
C LEU C 164 37.80 63.47 -41.58
N MET D 1 -28.96 -91.93 22.24
CA MET D 1 -27.83 -92.57 22.96
C MET D 1 -27.57 -91.86 24.29
N LYS D 2 -27.64 -92.61 25.39
CA LYS D 2 -27.40 -92.03 26.72
C LYS D 2 -25.91 -91.67 26.82
N VAL D 3 -25.62 -90.55 27.45
CA VAL D 3 -24.24 -90.11 27.57
C VAL D 3 -23.94 -89.49 28.95
N ILE D 4 -22.72 -89.69 29.42
CA ILE D 4 -22.24 -89.17 30.70
C ILE D 4 -21.45 -87.91 30.39
N PHE D 5 -22.03 -86.75 30.68
CA PHE D 5 -21.36 -85.47 30.43
C PHE D 5 -20.14 -85.27 31.33
N LEU D 6 -19.00 -85.05 30.70
CA LEU D 6 -17.74 -84.83 31.40
C LEU D 6 -17.42 -83.35 31.63
N LYS D 7 -17.92 -82.47 30.78
CA LYS D 7 -17.63 -81.04 30.93
C LYS D 7 -18.78 -80.06 30.68
N ASP D 8 -18.87 -79.55 29.45
CA ASP D 8 -19.89 -78.56 29.06
C ASP D 8 -21.32 -78.79 29.55
N VAL D 9 -21.61 -78.29 30.75
CA VAL D 9 -22.92 -78.35 31.38
C VAL D 9 -22.95 -77.06 32.19
N LYS D 10 -23.48 -77.09 33.41
CA LYS D 10 -23.49 -75.91 34.26
C LYS D 10 -22.06 -75.85 34.79
N GLY D 11 -21.16 -75.39 33.94
CA GLY D 11 -19.75 -75.34 34.30
C GLY D 11 -19.24 -76.72 33.94
N LYS D 12 -19.00 -77.55 34.96
CA LYS D 12 -18.51 -78.92 34.77
C LYS D 12 -19.53 -79.94 35.28
N GLY D 13 -20.35 -80.45 34.35
CA GLY D 13 -21.37 -81.43 34.70
C GLY D 13 -20.78 -82.80 34.94
N LYS D 14 -19.45 -82.84 35.04
CA LYS D 14 -18.70 -84.06 35.29
C LYS D 14 -19.21 -84.84 36.49
N LYS D 15 -20.03 -84.19 37.34
CA LYS D 15 -20.59 -84.83 38.53
C LYS D 15 -21.27 -86.11 38.09
N GLY D 16 -21.96 -86.03 36.95
CA GLY D 16 -22.63 -87.20 36.42
C GLY D 16 -23.89 -86.86 35.66
N GLU D 17 -23.87 -85.74 34.94
CA GLU D 17 -25.03 -85.33 34.16
C GLU D 17 -25.27 -86.33 33.04
N ILE D 18 -26.07 -87.35 33.32
CA ILE D 18 -26.38 -88.38 32.32
C ILE D 18 -27.60 -88.02 31.46
N LYS D 19 -27.32 -87.66 30.21
CA LYS D 19 -28.36 -87.27 29.26
C LYS D 19 -28.28 -88.08 27.98
N ASN D 20 -29.45 -88.36 27.39
CA ASN D 20 -29.52 -89.12 26.16
C ASN D 20 -29.29 -88.19 24.96
N VAL D 21 -28.06 -88.23 24.43
CA VAL D 21 -27.69 -87.42 23.27
C VAL D 21 -27.82 -88.23 21.98
N ALA D 22 -28.00 -87.52 20.87
CA ALA D 22 -28.14 -88.17 19.57
C ALA D 22 -26.87 -88.96 19.28
N ASP D 23 -27.05 -90.24 18.94
CA ASP D 23 -25.93 -91.11 18.60
C ASP D 23 -25.32 -90.54 17.33
N GLY D 24 -24.03 -90.79 17.11
CA GLY D 24 -23.37 -90.24 15.93
C GLY D 24 -22.85 -88.87 16.31
N TYR D 25 -23.74 -87.86 16.30
CA TYR D 25 -23.40 -86.48 16.69
C TYR D 25 -22.61 -86.54 17.98
N ALA D 26 -23.09 -87.36 18.90
CA ALA D 26 -22.44 -87.56 20.18
C ALA D 26 -21.02 -87.99 19.84
N ASN D 27 -20.88 -89.18 19.25
CA ASN D 27 -19.57 -89.70 18.91
C ASN D 27 -18.79 -88.94 17.84
N ASN D 28 -19.36 -87.86 17.33
CA ASN D 28 -18.70 -87.04 16.32
C ASN D 28 -18.25 -85.67 16.83
N PHE D 29 -18.93 -85.18 17.86
CA PHE D 29 -18.61 -83.88 18.46
C PHE D 29 -18.34 -84.00 19.96
N LEU D 30 -19.36 -84.31 20.76
CA LEU D 30 -19.16 -84.45 22.21
C LEU D 30 -18.01 -85.41 22.47
N PHE D 31 -18.16 -86.66 22.02
CA PHE D 31 -17.13 -87.67 22.19
C PHE D 31 -15.82 -87.19 21.59
N LYS D 32 -15.91 -86.24 20.66
CA LYS D 32 -14.72 -85.71 20.03
C LYS D 32 -13.99 -84.70 20.90
N GLN D 33 -14.71 -83.78 21.53
CA GLN D 33 -14.04 -82.80 22.36
C GLN D 33 -14.04 -83.17 23.84
N GLY D 34 -14.04 -84.47 24.12
CA GLY D 34 -14.03 -84.97 25.50
C GLY D 34 -15.18 -84.50 26.39
N LEU D 35 -16.18 -83.87 25.78
CA LEU D 35 -17.35 -83.35 26.50
C LEU D 35 -18.22 -84.39 27.18
N ALA D 36 -18.43 -85.53 26.52
CA ALA D 36 -19.26 -86.60 27.07
C ALA D 36 -18.62 -87.96 26.87
N ILE D 37 -19.21 -88.99 27.45
CA ILE D 37 -18.68 -90.33 27.32
C ILE D 37 -19.80 -91.36 27.22
N GLU D 38 -19.48 -92.57 26.75
CA GLU D 38 -20.49 -93.62 26.59
C GLU D 38 -21.11 -94.00 27.93
N ALA D 39 -22.44 -93.98 28.00
CA ALA D 39 -23.14 -94.34 29.23
C ALA D 39 -23.15 -95.86 29.42
N THR D 40 -21.97 -96.47 29.40
CA THR D 40 -21.86 -97.91 29.57
C THR D 40 -22.15 -98.21 31.03
N PRO D 41 -22.74 -99.37 31.32
CA PRO D 41 -23.08 -99.77 32.69
C PRO D 41 -21.86 -99.83 33.65
N ALA D 42 -20.67 -99.64 33.10
CA ALA D 42 -19.44 -99.64 33.90
C ALA D 42 -19.14 -98.19 34.24
N ASN D 43 -19.08 -97.36 33.21
CA ASN D 43 -18.80 -95.94 33.38
C ASN D 43 -20.01 -95.21 33.97
N LEU D 44 -21.04 -95.98 34.34
CA LEU D 44 -22.24 -95.44 34.96
C LEU D 44 -22.12 -95.71 36.45
N LYS D 45 -21.69 -96.93 36.77
CA LYS D 45 -21.50 -97.30 38.16
C LYS D 45 -20.26 -96.59 38.66
N ALA D 46 -19.25 -96.52 37.81
CA ALA D 46 -17.98 -95.86 38.13
C ALA D 46 -18.20 -94.38 38.36
N LEU D 47 -19.26 -93.84 37.78
CA LEU D 47 -19.60 -92.44 37.99
C LEU D 47 -20.24 -92.35 39.36
N GLU D 48 -21.19 -93.24 39.60
CA GLU D 48 -21.90 -93.28 40.88
C GLU D 48 -20.93 -93.26 42.04
N ALA D 49 -19.90 -94.07 41.95
CA ALA D 49 -18.87 -94.14 42.98
C ALA D 49 -18.23 -92.78 43.28
N GLN D 50 -17.87 -92.03 42.23
CA GLN D 50 -17.24 -90.72 42.41
C GLN D 50 -18.21 -89.75 43.06
N LYS D 51 -19.47 -89.79 42.64
CA LYS D 51 -20.47 -88.89 43.22
C LYS D 51 -20.65 -89.27 44.69
N GLN D 52 -20.57 -90.55 44.96
CA GLN D 52 -20.73 -91.03 46.32
C GLN D 52 -19.59 -90.62 47.20
N LYS D 53 -18.39 -90.55 46.65
CA LYS D 53 -17.24 -90.15 47.46
C LYS D 53 -17.21 -88.64 47.64
N GLU D 54 -17.59 -87.89 46.60
CA GLU D 54 -17.63 -86.44 46.66
C GLU D 54 -18.61 -86.00 47.74
N GLN D 55 -19.69 -86.76 47.88
CA GLN D 55 -20.75 -86.51 48.85
C GLN D 55 -20.30 -86.86 50.28
N ARG D 56 -19.42 -87.84 50.41
CA ARG D 56 -18.92 -88.27 51.72
C ARG D 56 -17.96 -87.22 52.21
N GLN D 57 -17.07 -86.80 51.31
CA GLN D 57 -16.06 -85.80 51.59
C GLN D 57 -16.68 -84.50 52.04
N ALA D 58 -17.57 -83.98 51.23
CA ALA D 58 -18.25 -82.74 51.58
C ALA D 58 -18.82 -82.77 52.98
N ALA D 59 -19.19 -83.96 53.41
CA ALA D 59 -19.79 -84.16 54.72
C ALA D 59 -18.73 -84.25 55.82
N GLU D 60 -17.57 -84.79 55.48
CA GLU D 60 -16.52 -84.91 56.46
C GLU D 60 -16.12 -83.49 56.74
N GLU D 61 -15.84 -82.76 55.68
CA GLU D 61 -15.42 -81.41 55.81
C GLU D 61 -16.32 -80.60 56.70
N LEU D 62 -17.62 -80.65 56.45
CA LEU D 62 -18.56 -79.86 57.23
C LEU D 62 -18.46 -80.26 58.68
N ALA D 63 -18.38 -81.55 58.92
CA ALA D 63 -18.34 -82.09 60.25
C ALA D 63 -17.09 -81.64 60.95
N ASN D 64 -16.00 -81.52 60.20
CA ASN D 64 -14.73 -81.08 60.74
C ASN D 64 -14.77 -79.59 61.10
N ALA D 65 -15.24 -78.75 60.17
CA ALA D 65 -15.40 -77.33 60.43
C ALA D 65 -16.18 -77.15 61.71
N LYS D 66 -17.21 -77.95 61.89
CA LYS D 66 -18.03 -77.84 63.08
C LYS D 66 -17.33 -78.19 64.40
N LYS D 67 -16.44 -79.16 64.37
CA LYS D 67 -15.75 -79.57 65.59
C LYS D 67 -14.69 -78.51 65.83
N LEU D 68 -14.06 -78.09 64.75
CA LEU D 68 -13.03 -77.07 64.81
C LEU D 68 -13.56 -75.75 65.36
N LYS D 69 -14.81 -75.44 65.07
CA LYS D 69 -15.44 -74.22 65.55
C LYS D 69 -15.57 -74.29 67.05
N GLU D 70 -15.71 -75.50 67.57
CA GLU D 70 -15.89 -75.72 69.01
C GLU D 70 -14.58 -75.57 69.74
N GLN D 71 -13.51 -76.05 69.12
CA GLN D 71 -12.22 -75.93 69.74
C GLN D 71 -11.87 -74.44 69.85
N LEU D 72 -12.00 -73.71 68.75
CA LEU D 72 -11.66 -72.27 68.71
C LEU D 72 -12.39 -71.39 69.71
N GLU D 73 -13.68 -71.58 69.85
CA GLU D 73 -14.45 -70.77 70.76
C GLU D 73 -14.17 -71.00 72.24
N LYS D 74 -13.18 -71.84 72.55
CA LYS D 74 -12.85 -72.05 73.95
C LYS D 74 -11.47 -71.35 74.24
N LEU D 75 -10.70 -71.07 73.18
CA LEU D 75 -9.38 -70.44 73.21
C LEU D 75 -9.38 -68.97 73.47
N THR D 76 -8.20 -68.38 73.42
CA THR D 76 -7.94 -66.96 73.61
C THR D 76 -6.53 -66.83 73.15
N VAL D 77 -6.32 -66.15 72.02
CA VAL D 77 -4.98 -65.95 71.50
C VAL D 77 -4.40 -64.76 72.29
N THR D 78 -3.12 -64.84 72.62
CA THR D 78 -2.47 -63.77 73.36
C THR D 78 -1.31 -63.23 72.56
N ILE D 79 -1.50 -62.04 71.99
CA ILE D 79 -0.44 -61.43 71.23
C ILE D 79 0.07 -60.18 71.95
N PRO D 80 1.28 -60.27 72.54
CA PRO D 80 1.83 -59.10 73.26
C PRO D 80 2.41 -58.09 72.26
N ALA D 81 2.38 -56.82 72.62
CA ALA D 81 2.90 -55.88 71.67
C ALA D 81 3.26 -54.57 72.30
N LYS D 82 4.24 -53.91 71.68
CA LYS D 82 4.74 -52.60 72.08
C LYS D 82 3.71 -51.52 71.76
N ALA D 83 3.26 -50.84 72.83
CA ALA D 83 2.27 -49.79 72.77
C ALA D 83 2.79 -48.57 73.51
N GLY D 84 2.11 -47.46 73.34
CA GLY D 84 2.52 -46.29 74.06
C GLY D 84 1.32 -45.39 74.21
N GLU D 85 1.19 -44.54 73.20
CA GLU D 85 0.15 -43.49 73.04
C GLU D 85 -1.31 -43.84 73.43
N GLY D 86 -1.54 -44.04 74.74
CA GLY D 86 -2.87 -44.36 75.24
C GLY D 86 -3.36 -45.74 74.82
N GLY D 87 -2.46 -46.72 74.91
CA GLY D 87 -2.78 -48.09 74.55
C GLY D 87 -2.51 -48.37 73.09
N ARG D 88 -2.35 -47.31 72.33
CA ARG D 88 -2.11 -47.43 70.92
C ARG D 88 -0.77 -48.07 70.60
N LEU D 89 -0.82 -49.04 69.69
CA LEU D 89 0.31 -49.83 69.22
C LEU D 89 1.27 -49.10 68.32
N PHE D 90 2.52 -49.60 68.25
CA PHE D 90 3.54 -49.02 67.40
C PHE D 90 3.37 -49.54 65.99
N GLY D 91 3.00 -50.83 65.89
CA GLY D 91 2.77 -51.44 64.58
C GLY D 91 1.35 -51.96 64.61
N SER D 92 1.03 -52.99 63.82
CA SER D 92 -0.32 -53.55 63.84
C SER D 92 -0.36 -55.04 63.83
N ILE D 93 -1.28 -55.59 64.60
CA ILE D 93 -1.42 -57.03 64.66
C ILE D 93 -2.33 -57.47 63.52
N THR D 94 -1.82 -58.26 62.60
CA THR D 94 -2.65 -58.73 61.51
C THR D 94 -2.92 -60.25 61.51
N SER D 95 -3.59 -60.72 60.47
CA SER D 95 -3.94 -62.14 60.33
C SER D 95 -2.80 -63.10 60.43
N LYS D 96 -1.60 -62.77 59.96
CA LYS D 96 -0.48 -63.72 60.05
C LYS D 96 -0.01 -63.89 61.50
N GLN D 97 0.05 -62.81 62.26
CA GLN D 97 0.45 -62.92 63.62
C GLN D 97 -0.54 -63.77 64.36
N ILE D 98 -1.81 -63.46 64.20
CA ILE D 98 -2.89 -64.18 64.86
C ILE D 98 -2.86 -65.64 64.52
N ALA D 99 -2.63 -65.94 63.25
CA ALA D 99 -2.55 -67.31 62.78
C ALA D 99 -1.37 -68.02 63.47
N GLU D 100 -0.23 -67.32 63.56
CA GLU D 100 1.00 -67.85 64.20
C GLU D 100 0.89 -68.11 65.70
N SER D 101 0.32 -67.17 66.42
CA SER D 101 0.15 -67.30 67.84
C SER D 101 -0.82 -68.40 68.11
N LEU D 102 -1.70 -68.65 67.15
CA LEU D 102 -2.67 -69.70 67.32
C LEU D 102 -1.98 -71.05 67.18
N GLN D 103 -1.11 -71.19 66.19
CA GLN D 103 -0.38 -72.42 66.01
C GLN D 103 0.54 -72.65 67.20
N ALA D 104 1.37 -71.67 67.48
CA ALA D 104 2.32 -71.72 68.58
C ALA D 104 1.71 -72.04 69.91
N GLN D 105 0.60 -71.41 70.27
CA GLN D 105 0.00 -71.65 71.57
C GLN D 105 -1.09 -72.67 71.67
N HIS D 106 -1.71 -73.03 70.57
CA HIS D 106 -2.84 -73.93 70.73
C HIS D 106 -2.77 -75.19 69.89
N GLY D 107 -1.71 -75.24 69.08
CA GLY D 107 -1.46 -76.38 68.23
C GLY D 107 -2.36 -76.48 67.04
N LEU D 108 -2.97 -75.36 66.67
CA LEU D 108 -3.85 -75.33 65.51
C LEU D 108 -3.17 -74.62 64.36
N LYS D 109 -3.17 -75.24 63.19
CA LYS D 109 -2.58 -74.65 62.00
C LYS D 109 -3.77 -74.24 61.11
N LEU D 110 -4.11 -72.96 61.10
CA LEU D 110 -5.24 -72.41 60.35
C LEU D 110 -4.76 -71.46 59.28
N ASP D 111 -5.36 -71.48 58.09
CA ASP D 111 -4.94 -70.57 57.01
C ASP D 111 -5.31 -69.16 57.42
N LYS D 112 -4.38 -68.23 57.26
CA LYS D 112 -4.69 -66.88 57.66
C LYS D 112 -5.82 -66.28 56.85
N ARG D 113 -6.11 -66.86 55.68
CA ARG D 113 -7.20 -66.41 54.80
C ARG D 113 -8.59 -66.56 55.41
N LYS D 114 -8.68 -67.41 56.41
CA LYS D 114 -9.95 -67.67 57.09
C LYS D 114 -10.20 -66.70 58.22
N ILE D 115 -9.15 -66.01 58.66
CA ILE D 115 -9.25 -65.06 59.76
C ILE D 115 -9.77 -63.79 59.15
N GLU D 116 -11.07 -63.58 59.26
CA GLU D 116 -11.70 -62.44 58.65
C GLU D 116 -11.43 -61.11 59.32
N LEU D 117 -10.15 -60.76 59.53
CA LEU D 117 -9.83 -59.46 60.14
C LEU D 117 -9.97 -58.34 59.06
N ALA D 118 -10.62 -57.24 59.41
CA ALA D 118 -10.81 -56.18 58.45
C ALA D 118 -9.60 -55.28 58.56
N ASP D 119 -9.75 -54.26 59.38
CA ASP D 119 -8.66 -53.32 59.61
C ASP D 119 -7.74 -53.93 60.70
N ALA D 120 -6.43 -53.87 60.46
CA ALA D 120 -5.42 -54.37 61.40
C ALA D 120 -5.54 -53.80 62.82
N ILE D 121 -5.57 -54.67 63.82
CA ILE D 121 -5.66 -54.26 65.23
C ILE D 121 -4.48 -53.32 65.59
N ARG D 122 -4.78 -52.12 66.05
CA ARG D 122 -3.74 -51.15 66.40
C ARG D 122 -3.91 -50.59 67.78
N ALA D 123 -4.40 -51.42 68.71
CA ALA D 123 -4.59 -51.00 70.10
C ALA D 123 -4.65 -52.17 71.09
N LEU D 124 -4.20 -51.93 72.31
CA LEU D 124 -4.20 -52.94 73.36
C LEU D 124 -5.65 -53.32 73.74
N GLY D 125 -5.89 -54.57 74.14
CA GLY D 125 -7.24 -54.99 74.55
C GLY D 125 -7.70 -56.35 74.01
N TYR D 126 -9.02 -56.57 74.00
CA TYR D 126 -9.62 -57.79 73.47
C TYR D 126 -10.41 -57.57 72.16
N THR D 127 -10.27 -58.48 71.22
CA THR D 127 -10.98 -58.36 69.96
C THR D 127 -11.48 -59.71 69.51
N ASN D 128 -12.77 -59.81 69.26
CA ASN D 128 -13.40 -61.04 68.78
C ASN D 128 -13.30 -61.01 67.27
N VAL D 129 -12.47 -61.87 66.67
CA VAL D 129 -12.30 -61.94 65.22
C VAL D 129 -13.11 -63.12 64.63
N PRO D 130 -13.86 -62.93 63.51
CA PRO D 130 -14.63 -64.03 62.91
C PRO D 130 -13.69 -64.90 62.11
N VAL D 131 -13.97 -66.20 62.07
CA VAL D 131 -13.16 -67.16 61.30
C VAL D 131 -14.13 -67.96 60.43
N LYS D 132 -13.88 -67.91 59.14
CA LYS D 132 -14.70 -68.56 58.15
C LYS D 132 -14.06 -69.91 57.88
N LEU D 133 -14.50 -70.89 58.67
CA LEU D 133 -14.00 -72.23 58.54
C LEU D 133 -14.64 -72.95 57.36
N HIS D 134 -15.82 -72.51 56.94
CA HIS D 134 -16.49 -73.20 55.85
C HIS D 134 -17.65 -72.30 55.38
N PRO D 135 -18.16 -72.49 54.13
CA PRO D 135 -19.26 -71.70 53.57
C PRO D 135 -20.38 -71.43 54.54
N GLU D 136 -20.67 -72.40 55.40
CA GLU D 136 -21.69 -72.17 56.38
C GLU D 136 -21.26 -72.40 57.83
N VAL D 137 -19.95 -72.24 58.11
CA VAL D 137 -19.41 -72.39 59.45
C VAL D 137 -18.33 -71.32 59.78
N THR D 138 -18.73 -70.39 60.66
CA THR D 138 -17.91 -69.28 61.14
C THR D 138 -17.84 -69.37 62.67
N ALA D 139 -16.64 -69.16 63.22
CA ALA D 139 -16.41 -69.20 64.65
C ALA D 139 -15.86 -67.87 65.07
N THR D 140 -15.98 -67.58 66.36
CA THR D 140 -15.47 -66.34 66.94
C THR D 140 -14.13 -66.60 67.66
N LEU D 141 -13.05 -66.01 67.19
CA LEU D 141 -11.78 -66.19 67.85
C LEU D 141 -11.52 -65.00 68.77
N LYS D 142 -11.30 -65.23 70.06
CA LYS D 142 -11.02 -64.10 70.95
C LYS D 142 -9.54 -63.85 70.92
N VAL D 143 -9.19 -62.64 70.54
CA VAL D 143 -7.81 -62.26 70.45
C VAL D 143 -7.51 -61.27 71.59
N HIS D 144 -6.39 -61.46 72.29
CA HIS D 144 -6.01 -60.58 73.40
C HIS D 144 -4.62 -59.93 73.20
N VAL D 145 -4.59 -58.63 72.91
CA VAL D 145 -3.32 -57.94 72.71
C VAL D 145 -2.88 -57.25 74.02
N THR D 146 -1.75 -57.71 74.54
CA THR D 146 -1.13 -57.25 75.79
C THR D 146 0.16 -56.48 75.50
N GLU D 147 0.39 -55.44 76.30
CA GLU D 147 1.58 -54.57 76.19
C GLU D 147 2.84 -55.30 76.64
N GLN D 148 3.86 -55.34 75.80
CA GLN D 148 5.07 -56.00 76.23
C GLN D 148 6.17 -54.99 76.55
N LYS D 149 7.37 -55.52 76.85
CA LYS D 149 8.57 -54.75 77.19
C LYS D 149 8.50 -54.17 78.60
N GLN E 1 28.24 86.42 -49.62
CA GLN E 1 27.07 87.31 -49.37
C GLN E 1 26.09 86.84 -48.34
N ILE E 2 25.66 87.72 -47.46
CA ILE E 2 24.75 87.33 -46.41
C ILE E 2 23.49 88.15 -46.39
N LYS E 3 22.34 87.47 -46.36
CA LYS E 3 21.09 88.21 -46.23
C LYS E 3 20.73 87.98 -44.78
N LEU E 4 19.97 88.90 -44.22
CA LEU E 4 19.53 88.79 -42.85
C LEU E 4 18.62 89.97 -42.69
N GLN E 5 17.67 89.83 -41.79
CA GLN E 5 16.74 90.93 -41.52
C GLN E 5 17.15 91.32 -40.10
N LEU E 6 17.45 92.58 -39.86
CA LEU E 6 17.88 93.00 -38.52
C LEU E 6 17.16 94.28 -38.11
N PRO E 7 17.01 94.49 -36.77
CA PRO E 7 16.35 95.67 -36.17
C PRO E 7 17.09 97.00 -36.27
N ALA E 8 16.94 97.92 -35.31
CA ALA E 8 17.62 99.23 -35.45
C ALA E 8 18.30 99.93 -34.27
N GLY E 9 18.87 99.12 -33.39
CA GLY E 9 19.56 99.57 -32.20
C GLY E 9 19.73 98.20 -31.59
N LYS E 10 20.39 97.37 -32.38
CA LYS E 10 20.61 95.95 -32.09
C LYS E 10 21.75 95.34 -32.90
N ALA E 11 22.41 94.40 -32.23
CA ALA E 11 23.57 93.73 -32.74
C ALA E 11 24.05 92.68 -31.74
N THR E 12 25.02 91.89 -32.20
CA THR E 12 25.64 90.86 -31.36
C THR E 12 24.72 90.30 -30.28
N PRO E 13 23.45 90.00 -30.60
CA PRO E 13 22.73 89.49 -29.43
C PRO E 13 23.19 88.06 -29.27
N ALA E 14 24.51 87.93 -29.12
CA ALA E 14 25.19 86.67 -29.07
C ALA E 14 24.60 85.89 -30.28
N PRO E 15 23.48 85.13 -30.13
CA PRO E 15 22.99 84.44 -31.38
C PRO E 15 22.41 85.22 -32.61
N PRO E 16 21.14 85.70 -32.59
CA PRO E 16 20.55 86.39 -33.77
C PRO E 16 21.57 87.28 -34.56
N VAL E 17 22.18 86.69 -35.62
CA VAL E 17 23.21 87.32 -36.53
C VAL E 17 24.54 86.63 -36.22
N GLY E 18 25.12 87.08 -35.08
CA GLY E 18 26.37 86.57 -34.56
C GLY E 18 27.22 85.45 -35.20
N PRO E 19 26.92 84.20 -34.85
CA PRO E 19 27.70 83.08 -35.42
C PRO E 19 27.68 83.13 -36.94
N ALA E 20 26.54 82.80 -37.56
CA ALA E 20 26.41 82.78 -39.00
C ALA E 20 27.36 83.66 -39.86
N LEU E 21 27.88 84.75 -39.32
CA LEU E 21 28.85 85.61 -40.06
C LEU E 21 30.22 85.22 -39.53
N GLY E 22 30.29 85.06 -38.22
CA GLY E 22 31.54 84.62 -37.67
C GLY E 22 31.78 83.28 -38.34
N GLN E 23 30.77 82.84 -39.10
CA GLN E 23 30.88 81.61 -39.83
C GLN E 23 31.66 81.79 -41.17
N HIS E 24 31.75 83.02 -41.67
CA HIS E 24 32.34 83.25 -43.00
C HIS E 24 33.76 83.68 -43.14
N GLY E 25 34.11 84.71 -42.40
CA GLY E 25 35.45 85.23 -42.39
C GLY E 25 35.07 86.67 -42.22
N VAL E 26 34.56 86.99 -41.05
CA VAL E 26 34.04 88.32 -40.79
C VAL E 26 34.54 88.91 -39.51
N ASN E 27 33.72 89.77 -38.95
CA ASN E 27 33.98 90.42 -37.71
C ASN E 27 32.55 90.41 -37.23
N ILE E 28 32.28 91.17 -36.19
CA ILE E 28 30.94 91.26 -35.65
C ILE E 28 30.89 92.69 -35.12
N MET E 29 31.12 92.83 -33.82
CA MET E 29 31.13 94.13 -33.14
C MET E 29 31.07 95.33 -34.10
N GLU E 30 32.16 95.57 -34.85
CA GLU E 30 32.22 96.66 -35.83
C GLU E 30 30.89 96.70 -36.61
N PHE E 31 30.65 95.63 -37.38
CA PHE E 31 29.41 95.46 -38.18
C PHE E 31 28.16 95.99 -37.45
N CYS E 32 27.99 95.48 -36.24
CA CYS E 32 26.87 95.86 -35.38
C CYS E 32 26.75 97.39 -35.26
N LYS E 33 27.83 98.03 -34.83
CA LYS E 33 27.83 99.49 -34.68
C LYS E 33 27.40 100.18 -35.99
N ARG E 34 28.04 99.82 -37.11
CA ARG E 34 27.66 100.45 -38.38
C ARG E 34 26.15 100.32 -38.61
N PHE E 35 25.67 99.08 -38.57
CA PHE E 35 24.26 98.81 -38.77
C PHE E 35 23.42 99.76 -37.91
N ASN E 36 23.74 99.80 -36.61
CA ASN E 36 23.01 100.67 -35.69
C ASN E 36 23.07 102.12 -36.15
N ALA E 37 24.26 102.58 -36.53
CA ALA E 37 24.40 103.96 -36.99
C ALA E 37 23.44 104.18 -38.16
N GLU E 38 23.57 103.34 -39.19
CA GLU E 38 22.73 103.41 -40.38
C GLU E 38 21.27 103.55 -40.01
N THR E 39 20.81 102.60 -39.18
CA THR E 39 19.41 102.60 -38.77
C THR E 39 19.01 103.95 -38.10
N ALA E 40 19.97 104.62 -37.46
CA ALA E 40 19.67 105.93 -36.84
C ALA E 40 19.04 106.90 -37.86
N ASP E 41 19.30 106.71 -39.16
CA ASP E 41 18.71 107.65 -40.14
C ASP E 41 17.21 107.49 -40.03
N LYS E 42 16.72 106.44 -40.67
CA LYS E 42 15.30 106.12 -40.69
C LYS E 42 15.02 105.40 -39.38
N ALA E 43 15.25 104.08 -39.43
CA ALA E 43 15.06 103.11 -38.38
C ALA E 43 14.54 103.39 -36.98
N GLY E 44 13.72 102.40 -36.59
CA GLY E 44 12.98 102.25 -35.36
C GLY E 44 12.21 100.98 -35.67
N MET E 45 12.47 100.37 -36.83
CA MET E 45 11.77 99.15 -37.25
C MET E 45 12.67 98.04 -37.83
N ILE E 46 12.10 97.15 -38.62
CA ILE E 46 12.90 96.05 -39.18
C ILE E 46 13.45 96.31 -40.56
N LEU E 47 14.78 96.35 -40.70
CA LEU E 47 15.35 96.52 -42.03
C LEU E 47 16.31 95.42 -42.50
N PRO E 48 16.00 94.81 -43.67
CA PRO E 48 16.84 93.73 -44.23
C PRO E 48 18.18 94.32 -44.68
N VAL E 49 19.27 93.60 -44.43
CA VAL E 49 20.58 94.11 -44.80
C VAL E 49 21.29 93.04 -45.59
N VAL E 50 22.11 93.45 -46.55
CA VAL E 50 22.82 92.49 -47.36
C VAL E 50 24.31 92.71 -47.24
N ILE E 51 24.92 91.97 -46.32
CA ILE E 51 26.35 92.08 -46.09
C ILE E 51 27.16 91.20 -47.04
N THR E 52 28.18 91.78 -47.65
CA THR E 52 29.05 91.06 -48.56
C THR E 52 30.47 91.10 -47.99
N VAL E 53 30.96 89.96 -47.51
CA VAL E 53 32.31 89.87 -46.94
C VAL E 53 33.35 89.68 -48.04
N TYR E 54 34.44 90.44 -47.97
CA TYR E 54 35.50 90.35 -48.99
C TYR E 54 36.58 89.33 -48.71
N GLU E 55 37.08 88.69 -49.76
CA GLU E 55 38.13 87.67 -49.66
C GLU E 55 38.97 87.78 -48.39
N ASP E 56 39.48 88.98 -48.11
CA ASP E 56 40.28 89.22 -46.91
C ASP E 56 39.41 89.27 -45.65
N LYS E 57 38.32 88.50 -45.66
CA LYS E 57 37.39 88.43 -44.54
C LYS E 57 36.96 89.81 -44.07
N SER E 58 36.56 90.65 -45.02
CA SER E 58 36.12 92.01 -44.73
C SER E 58 34.63 92.10 -44.97
N PHE E 59 34.14 93.30 -45.29
CA PHE E 59 32.72 93.46 -45.55
C PHE E 59 32.13 94.84 -45.75
N THR E 60 31.03 94.84 -46.47
CA THR E 60 30.23 95.99 -46.77
C THR E 60 28.86 95.37 -46.56
N PHE E 61 27.83 96.18 -46.58
CA PHE E 61 26.49 95.66 -46.39
C PHE E 61 25.61 96.81 -46.77
N ILE E 62 24.57 96.55 -47.54
CA ILE E 62 23.69 97.63 -47.91
C ILE E 62 22.47 97.49 -47.03
N ILE E 63 21.79 98.60 -46.80
CA ILE E 63 20.60 98.60 -45.97
C ILE E 63 19.42 98.76 -46.92
N LYS E 64 18.32 98.07 -46.67
CA LYS E 64 17.17 98.20 -47.55
C LYS E 64 15.96 98.62 -46.76
N THR E 65 14.83 98.60 -47.43
CA THR E 65 13.58 98.98 -46.79
C THR E 65 13.05 97.72 -46.13
N PRO E 66 12.26 97.87 -45.04
CA PRO E 66 11.68 96.73 -44.30
C PRO E 66 10.83 95.81 -45.15
N PRO E 67 10.79 94.50 -44.83
CA PRO E 67 9.97 93.59 -45.62
C PRO E 67 8.54 94.09 -45.79
N ALA E 68 7.85 93.64 -46.84
CA ALA E 68 6.49 94.06 -47.07
C ALA E 68 5.64 93.55 -45.92
N SER E 69 5.76 92.26 -45.63
CA SER E 69 4.98 91.65 -44.56
C SER E 69 5.18 92.43 -43.27
N PHE E 70 6.42 92.87 -43.02
CA PHE E 70 6.70 93.64 -41.81
C PHE E 70 5.91 94.94 -41.79
N LEU E 71 6.09 95.74 -42.83
CA LEU E 71 5.39 97.02 -42.94
C LEU E 71 3.88 96.81 -42.84
N LEU E 72 3.39 95.74 -43.47
CA LEU E 72 1.97 95.42 -43.47
C LEU E 72 1.47 95.13 -42.06
N LYS E 73 2.22 94.30 -41.35
CA LYS E 73 1.88 93.96 -39.98
C LYS E 73 1.67 95.27 -39.22
N LYS E 74 2.66 96.15 -39.32
CA LYS E 74 2.61 97.44 -38.66
C LYS E 74 1.33 98.17 -39.02
N ALA E 75 1.12 98.35 -40.32
CA ALA E 75 -0.07 99.04 -40.79
C ALA E 75 -1.35 98.45 -40.19
N ALA E 76 -1.46 97.13 -40.21
CA ALA E 76 -2.63 96.46 -39.67
C ALA E 76 -2.63 96.47 -38.14
N GLY E 77 -1.51 96.92 -37.57
CA GLY E 77 -1.38 96.97 -36.13
C GLY E 77 -1.36 95.61 -35.46
N ILE E 78 -0.77 94.62 -36.11
CA ILE E 78 -0.71 93.29 -35.53
C ILE E 78 0.73 92.85 -35.31
N GLU E 79 0.91 91.73 -34.62
CA GLU E 79 2.25 91.21 -34.34
C GLU E 79 2.62 90.04 -35.23
N LYS E 80 1.60 89.32 -35.69
CA LYS E 80 1.82 88.15 -36.54
C LYS E 80 0.83 88.12 -37.68
N GLY E 81 1.11 87.30 -38.67
CA GLY E 81 0.20 87.18 -39.79
C GLY E 81 -0.68 85.98 -39.52
N SER E 82 -1.77 85.87 -40.26
CA SER E 82 -2.67 84.75 -40.06
C SER E 82 -1.92 83.45 -40.18
N SER E 83 -2.37 82.44 -39.44
CA SER E 83 -1.75 81.12 -39.48
C SER E 83 -2.35 80.40 -40.67
N GLU E 84 -3.43 80.96 -41.19
CA GLU E 84 -4.14 80.41 -42.32
C GLU E 84 -4.64 81.58 -43.17
N PRO E 85 -3.76 82.14 -44.01
CA PRO E 85 -4.10 83.28 -44.88
C PRO E 85 -5.31 82.96 -45.74
N LYS E 86 -6.16 83.97 -45.93
CA LYS E 86 -7.40 83.83 -46.71
C LYS E 86 -8.50 83.16 -45.89
N ARG E 87 -8.16 82.10 -45.16
CA ARG E 87 -9.15 81.41 -44.32
C ARG E 87 -9.44 82.19 -43.05
N LYS E 88 -8.45 82.95 -42.56
CA LYS E 88 -8.63 83.73 -41.35
C LYS E 88 -7.97 85.08 -41.43
N ILE E 89 -8.76 86.14 -41.48
CA ILE E 89 -8.18 87.46 -41.54
C ILE E 89 -7.83 87.88 -40.12
N VAL E 90 -6.58 88.29 -39.92
CA VAL E 90 -6.13 88.71 -38.60
C VAL E 90 -6.02 90.22 -38.52
N GLY E 91 -6.28 90.89 -39.63
CA GLY E 91 -6.19 92.33 -39.67
C GLY E 91 -6.58 92.93 -41.01
N LYS E 92 -6.52 94.25 -41.10
CA LYS E 92 -6.88 94.92 -42.33
C LYS E 92 -6.16 96.26 -42.49
N VAL E 93 -5.96 96.66 -43.74
CA VAL E 93 -5.31 97.92 -44.03
C VAL E 93 -6.08 98.63 -45.12
N THR E 94 -6.02 99.96 -45.10
CA THR E 94 -6.73 100.75 -46.09
C THR E 94 -5.92 100.81 -47.37
N ARG E 95 -6.58 101.10 -48.48
CA ARG E 95 -5.90 101.16 -49.76
C ARG E 95 -4.86 102.27 -49.73
N LYS E 96 -5.05 103.22 -48.83
CA LYS E 96 -4.12 104.32 -48.69
C LYS E 96 -2.86 103.82 -48.00
N GLN E 97 -3.03 102.86 -47.09
CA GLN E 97 -1.92 102.28 -46.36
C GLN E 97 -1.13 101.40 -47.33
N ILE E 98 -1.84 100.68 -48.19
CA ILE E 98 -1.19 99.83 -49.16
C ILE E 98 -0.32 100.75 -49.99
N GLU E 99 -0.90 101.89 -50.37
CA GLU E 99 -0.20 102.88 -51.17
C GLU E 99 1.05 103.36 -50.44
N GLU E 100 0.89 103.72 -49.17
CA GLU E 100 2.00 104.19 -48.37
C GLU E 100 3.18 103.23 -48.38
N ILE E 101 2.87 101.96 -48.16
CA ILE E 101 3.90 100.93 -48.13
C ILE E 101 4.58 100.80 -49.48
N ALA E 102 3.77 100.78 -50.54
CA ALA E 102 4.30 100.67 -51.89
C ALA E 102 5.29 101.80 -52.16
N LYS E 103 5.00 102.99 -51.67
CA LYS E 103 5.86 104.15 -51.87
C LYS E 103 7.12 104.00 -51.03
N THR E 104 6.96 103.42 -49.85
CA THR E 104 8.07 103.18 -48.96
C THR E 104 9.01 102.17 -49.57
N LYS E 105 8.51 100.96 -49.82
CA LYS E 105 9.32 99.90 -50.41
C LYS E 105 9.75 100.11 -51.85
N MET E 106 9.09 101.04 -52.53
CA MET E 106 9.34 101.32 -53.92
C MET E 106 10.80 101.22 -54.40
N PRO E 107 11.77 101.81 -53.68
CA PRO E 107 13.16 101.72 -54.13
C PRO E 107 13.61 100.27 -54.34
N ASP E 108 13.01 99.37 -53.58
CA ASP E 108 13.32 97.94 -53.68
C ASP E 108 12.32 97.20 -54.57
N LEU E 109 11.33 97.94 -55.07
CA LEU E 109 10.32 97.36 -55.95
C LEU E 109 10.71 97.57 -57.41
N ASN E 110 10.30 96.66 -58.28
CA ASN E 110 10.60 96.77 -59.69
C ASN E 110 9.36 97.16 -60.51
N ALA E 111 8.34 97.67 -59.83
CA ALA E 111 7.12 98.09 -60.50
C ALA E 111 7.41 99.37 -61.27
N ASN E 112 6.72 99.55 -62.39
CA ASN E 112 6.93 100.73 -63.22
C ASN E 112 5.92 101.82 -62.91
N SER E 113 4.94 101.52 -62.04
CA SER E 113 3.93 102.49 -61.69
C SER E 113 3.43 102.26 -60.26
N LEU E 114 2.99 103.33 -59.62
CA LEU E 114 2.48 103.24 -58.25
C LEU E 114 1.38 102.19 -58.14
N GLU E 115 0.58 102.06 -59.18
CA GLU E 115 -0.49 101.08 -59.19
C GLU E 115 0.09 99.69 -59.17
N ALA E 116 1.10 99.44 -60.00
CA ALA E 116 1.74 98.14 -60.07
C ALA E 116 2.43 97.82 -58.75
N ALA E 117 2.96 98.85 -58.10
CA ALA E 117 3.65 98.67 -56.83
C ALA E 117 2.67 98.23 -55.76
N MET E 118 1.54 98.91 -55.71
CA MET E 118 0.51 98.60 -54.73
C MET E 118 -0.02 97.20 -54.95
N LYS E 119 -0.01 96.74 -56.19
CA LYS E 119 -0.50 95.42 -56.52
C LYS E 119 0.49 94.39 -55.99
N ILE E 120 1.76 94.79 -55.93
CA ILE E 120 2.80 93.92 -55.43
C ILE E 120 2.62 93.77 -53.93
N ILE E 121 2.41 94.89 -53.25
CA ILE E 121 2.20 94.89 -51.81
C ILE E 121 0.95 94.11 -51.43
N GLU E 122 -0.11 94.28 -52.20
CA GLU E 122 -1.35 93.59 -51.89
C GLU E 122 -1.19 92.10 -52.03
N GLY E 123 -0.25 91.68 -52.86
CA GLY E 123 -0.03 90.27 -53.05
C GLY E 123 0.52 89.66 -51.79
N THR E 124 1.31 90.45 -51.07
CA THR E 124 1.92 90.02 -49.82
C THR E 124 0.85 90.02 -48.74
N ALA E 125 0.11 91.12 -48.67
CA ALA E 125 -0.95 91.26 -47.70
C ALA E 125 -1.92 90.10 -47.83
N LYS E 126 -2.20 89.70 -49.06
CA LYS E 126 -3.13 88.60 -49.31
C LYS E 126 -2.58 87.28 -48.83
N SER E 127 -1.26 87.22 -48.65
CA SER E 127 -0.61 85.99 -48.24
C SER E 127 -0.48 85.87 -46.72
N MET E 128 -0.85 86.91 -45.99
CA MET E 128 -0.72 86.89 -44.55
C MET E 128 -2.01 87.22 -43.81
N GLY E 129 -3.15 87.00 -44.46
CA GLY E 129 -4.42 87.27 -43.82
C GLY E 129 -4.68 88.71 -43.45
N ILE E 130 -4.18 89.65 -44.24
CA ILE E 130 -4.42 91.06 -44.00
C ILE E 130 -5.29 91.53 -45.15
N GLU E 131 -6.49 92.00 -44.81
CA GLU E 131 -7.45 92.47 -45.79
C GLU E 131 -7.28 93.95 -46.07
N VAL E 132 -7.69 94.36 -47.27
CA VAL E 132 -7.58 95.76 -47.63
C VAL E 132 -8.94 96.42 -47.82
N VAL E 133 -9.20 97.41 -46.98
CA VAL E 133 -10.43 98.19 -47.03
C VAL E 133 -10.00 99.58 -47.51
N MET F 1 68.47 25.94 1.81
CA MET F 1 68.05 27.16 1.07
C MET F 1 66.60 27.45 1.39
N ILE F 2 66.22 28.71 1.33
CA ILE F 2 64.84 29.10 1.58
C ILE F 2 64.00 28.60 0.40
N GLN F 3 62.97 27.83 0.69
CA GLN F 3 62.10 27.26 -0.34
C GLN F 3 60.69 27.13 0.25
N GLN F 4 59.77 26.51 -0.48
CA GLN F 4 58.40 26.35 0.04
C GLN F 4 58.44 25.67 1.40
N GLU F 5 57.64 26.20 2.30
CA GLU F 5 57.50 25.76 3.69
C GLU F 5 58.61 26.14 4.64
N SER F 6 59.56 26.95 4.16
CA SER F 6 60.63 27.44 5.02
C SER F 6 59.99 28.49 5.93
N ARG F 7 60.46 28.56 7.17
CA ARG F 7 59.94 29.54 8.14
C ARG F 7 60.92 30.70 8.16
N LEU F 8 60.40 31.92 8.11
CA LEU F 8 61.24 33.11 8.12
C LEU F 8 60.86 34.03 9.28
N LYS F 9 61.85 34.61 9.93
CA LYS F 9 61.60 35.57 11.01
C LYS F 9 61.21 36.85 10.29
N VAL F 10 60.41 37.69 10.94
CA VAL F 10 60.00 38.96 10.36
C VAL F 10 60.81 40.07 11.04
N ALA F 11 61.59 40.81 10.25
CA ALA F 11 62.43 41.87 10.77
C ALA F 11 61.79 43.25 10.78
N ASP F 12 60.51 43.35 11.08
CA ASP F 12 59.85 44.65 11.09
C ASP F 12 58.85 44.71 12.21
N ASN F 13 58.14 45.82 12.34
CA ASN F 13 57.15 45.94 13.40
C ASN F 13 55.72 45.90 12.86
N SER F 14 55.54 45.17 11.75
CA SER F 14 54.22 45.02 11.13
C SER F 14 53.22 44.28 12.03
N GLY F 15 53.74 43.42 12.91
CA GLY F 15 52.88 42.62 13.77
C GLY F 15 53.17 41.15 13.53
N ALA F 16 53.57 40.80 12.30
CA ALA F 16 53.90 39.41 11.99
C ALA F 16 55.21 39.06 12.68
N ARG F 17 55.27 37.85 13.22
CA ARG F 17 56.44 37.36 13.93
C ARG F 17 57.20 36.29 13.15
N GLU F 18 56.46 35.49 12.39
CA GLU F 18 57.08 34.44 11.59
C GLU F 18 56.14 34.10 10.44
N VAL F 19 56.72 33.81 9.28
CA VAL F 19 55.93 33.45 8.09
C VAL F 19 56.42 32.13 7.52
N LEU F 20 55.57 31.49 6.73
CA LEU F 20 55.87 30.21 6.13
C LEU F 20 55.79 30.42 4.61
N VAL F 21 56.89 30.18 3.91
CA VAL F 21 56.96 30.37 2.46
C VAL F 21 56.05 29.47 1.64
N ILE F 22 55.30 30.07 0.72
CA ILE F 22 54.41 29.33 -0.15
C ILE F 22 55.09 29.20 -1.50
N LYS F 23 55.57 30.32 -2.03
CA LYS F 23 56.25 30.32 -3.32
C LYS F 23 57.21 31.50 -3.47
N VAL F 24 58.19 31.33 -4.34
CA VAL F 24 59.18 32.35 -4.63
C VAL F 24 58.74 33.01 -5.93
N LEU F 25 58.56 34.32 -5.90
CA LEU F 25 58.12 35.03 -7.08
C LEU F 25 59.24 35.22 -8.10
N GLY F 26 58.89 35.47 -9.36
CA GLY F 26 59.92 35.69 -10.35
C GLY F 26 59.86 34.82 -11.60
N GLY F 27 58.84 33.99 -11.71
CA GLY F 27 58.71 33.15 -12.88
C GLY F 27 58.74 31.65 -12.65
N SER F 28 58.11 30.92 -13.55
CA SER F 28 58.04 29.47 -13.48
C SER F 28 59.45 28.91 -13.34
N GLY F 29 59.64 28.01 -12.39
CA GLY F 29 60.96 27.44 -12.19
C GLY F 29 61.68 27.93 -10.94
N ARG F 30 61.34 29.13 -10.46
CA ARG F 30 61.98 29.66 -9.27
C ARG F 30 61.56 28.81 -8.07
N ARG F 31 62.56 28.40 -7.29
CA ARG F 31 62.34 27.53 -6.14
C ARG F 31 63.02 28.01 -4.85
N TYR F 32 64.15 28.72 -5.00
CA TYR F 32 64.91 29.15 -3.84
C TYR F 32 65.03 30.65 -3.78
N ALA F 33 64.93 31.17 -2.57
CA ALA F 33 65.00 32.61 -2.35
C ALA F 33 66.25 33.00 -1.60
N ASN F 34 66.81 34.13 -2.00
CA ASN F 34 67.97 34.67 -1.30
C ASN F 34 67.66 36.16 -1.17
N ILE F 35 68.61 36.92 -0.63
CA ILE F 35 68.43 38.34 -0.41
C ILE F 35 67.92 39.08 -1.64
N GLY F 36 66.84 39.83 -1.45
CA GLY F 36 66.28 40.60 -2.53
C GLY F 36 65.09 39.97 -3.22
N ASP F 37 64.93 38.65 -3.04
CA ASP F 37 63.79 37.96 -3.63
C ASP F 37 62.54 38.21 -2.82
N VAL F 38 61.40 38.11 -3.50
CA VAL F 38 60.11 38.32 -2.88
C VAL F 38 59.39 36.98 -2.82
N VAL F 39 58.82 36.69 -1.67
CA VAL F 39 58.09 35.45 -1.47
C VAL F 39 56.65 35.76 -1.09
N VAL F 40 55.79 34.78 -1.35
CA VAL F 40 54.38 34.85 -0.98
C VAL F 40 54.42 33.91 0.22
N ALA F 41 53.83 34.33 1.34
CA ALA F 41 53.88 33.51 2.56
C ALA F 41 52.62 33.66 3.39
N THR F 42 52.45 32.73 4.32
CA THR F 42 51.32 32.78 5.25
C THR F 42 51.89 33.17 6.60
N VAL F 43 51.18 34.05 7.32
CA VAL F 43 51.62 34.48 8.63
C VAL F 43 51.41 33.32 9.60
N LYS F 44 52.49 32.85 10.19
CA LYS F 44 52.45 31.73 11.12
C LYS F 44 52.19 32.17 12.55
N ASP F 45 52.79 33.29 12.93
CA ASP F 45 52.64 33.84 14.26
C ASP F 45 52.59 35.36 14.11
N ALA F 46 51.78 36.01 14.93
CA ALA F 46 51.61 37.45 14.90
C ALA F 46 51.17 37.93 16.29
N THR F 47 51.38 39.21 16.58
CA THR F 47 50.97 39.75 17.88
C THR F 47 49.45 39.88 17.80
N PRO F 48 48.72 39.44 18.84
CA PRO F 48 47.24 39.55 18.81
C PRO F 48 46.72 40.97 18.69
N GLY F 49 45.57 41.12 18.05
CA GLY F 49 44.93 42.41 17.89
C GLY F 49 45.58 43.35 16.90
N GLY F 50 46.54 42.87 16.12
CA GLY F 50 47.22 43.73 15.16
C GLY F 50 46.63 43.78 13.74
N VAL F 51 47.28 44.56 12.88
CA VAL F 51 46.87 44.74 11.47
C VAL F 51 47.08 43.48 10.65
N VAL F 52 48.10 42.71 10.99
CA VAL F 52 48.41 41.48 10.31
C VAL F 52 47.96 40.35 11.23
N LYS F 53 47.33 39.34 10.65
CA LYS F 53 46.82 38.22 11.42
C LYS F 53 47.34 36.86 11.01
N LYS F 54 47.27 35.89 11.93
CA LYS F 54 47.69 34.53 11.63
C LYS F 54 46.83 33.95 10.52
N GLY F 55 47.46 33.21 9.63
CA GLY F 55 46.73 32.61 8.52
C GLY F 55 46.63 33.47 7.29
N GLN F 56 46.88 34.77 7.42
CA GLN F 56 46.81 35.67 6.26
C GLN F 56 48.00 35.48 5.32
N VAL F 57 47.76 35.75 4.04
CA VAL F 57 48.80 35.61 3.03
C VAL F 57 49.37 36.99 2.76
N VAL F 58 50.69 37.10 2.78
CA VAL F 58 51.37 38.37 2.57
C VAL F 58 52.52 38.16 1.59
N LYS F 59 53.09 39.26 1.13
CA LYS F 59 54.28 39.25 0.25
C LYS F 59 55.36 39.81 1.15
N ALA F 60 56.58 39.28 1.03
CA ALA F 60 57.68 39.74 1.86
C ALA F 60 58.99 39.65 1.08
N VAL F 61 59.90 40.59 1.32
CA VAL F 61 61.21 40.54 0.67
C VAL F 61 62.22 39.97 1.68
N VAL F 62 63.08 39.07 1.22
CA VAL F 62 64.11 38.46 2.07
C VAL F 62 65.25 39.46 2.26
N VAL F 63 65.60 39.75 3.52
CA VAL F 63 66.64 40.73 3.80
C VAL F 63 67.89 40.18 4.46
N ARG F 64 67.82 38.96 4.98
CA ARG F 64 68.94 38.28 5.62
C ARG F 64 68.77 36.80 5.37
N THR F 65 69.86 36.13 5.02
CA THR F 65 69.82 34.68 4.82
C THR F 65 71.06 34.03 5.40
N LYS F 66 70.91 32.79 5.84
CA LYS F 66 72.03 32.02 6.36
C LYS F 66 72.95 31.59 5.21
N ARG F 67 72.37 31.43 4.02
CA ARG F 67 73.12 31.06 2.81
C ARG F 67 74.08 32.19 2.39
N GLY F 68 73.59 33.42 2.46
CA GLY F 68 74.41 34.57 2.11
C GLY F 68 74.60 34.81 0.64
N VAL F 69 75.48 35.76 0.32
CA VAL F 69 75.74 36.15 -1.07
C VAL F 69 77.23 36.37 -1.32
N ARG F 70 77.68 36.06 -2.54
CA ARG F 70 79.06 36.27 -2.92
C ARG F 70 79.03 37.61 -3.63
N ARG F 71 79.99 38.47 -3.32
CA ARG F 71 80.03 39.79 -3.93
C ARG F 71 81.11 39.97 -5.01
N PRO F 72 80.93 40.95 -5.91
CA PRO F 72 81.89 41.23 -7.00
C PRO F 72 83.32 41.50 -6.51
N ASP F 73 83.45 42.09 -5.32
CA ASP F 73 84.75 42.42 -4.75
C ASP F 73 85.45 41.26 -4.02
N GLY F 74 84.91 40.05 -4.13
CA GLY F 74 85.53 38.91 -3.50
C GLY F 74 85.05 38.60 -2.07
N SER F 75 84.20 39.47 -1.53
CA SER F 75 83.68 39.23 -0.19
C SER F 75 82.46 38.35 -0.28
N TYR F 76 82.12 37.74 0.84
CA TYR F 76 80.96 36.88 1.00
C TYR F 76 80.33 37.32 2.31
N ILE F 77 79.04 37.57 2.32
CA ILE F 77 78.33 37.98 3.51
C ILE F 77 77.17 37.02 3.80
N ARG F 78 77.02 36.61 5.06
CA ARG F 78 75.88 35.76 5.43
C ARG F 78 75.44 36.20 6.82
N PHE F 79 74.28 35.72 7.23
CA PHE F 79 73.71 36.08 8.52
C PHE F 79 73.37 34.85 9.32
N ASP F 80 73.02 35.05 10.59
CA ASP F 80 72.71 33.89 11.43
C ASP F 80 71.23 33.50 11.42
N GLU F 81 70.44 34.11 10.54
CA GLU F 81 69.01 33.79 10.45
C GLU F 81 68.48 34.16 9.06
N ASN F 82 67.32 33.59 8.74
CA ASN F 82 66.63 33.89 7.48
C ASN F 82 65.49 34.80 7.91
N ALA F 83 65.52 36.05 7.44
CA ALA F 83 64.52 37.03 7.83
C ALA F 83 63.94 37.76 6.62
N CYS F 84 62.74 38.30 6.78
CA CYS F 84 62.09 39.03 5.71
C CYS F 84 61.35 40.23 6.27
N VAL F 85 60.93 41.12 5.37
CA VAL F 85 60.17 42.32 5.70
C VAL F 85 58.88 42.26 4.87
N ILE F 86 57.73 42.48 5.51
CA ILE F 86 56.46 42.41 4.80
C ILE F 86 56.30 43.69 3.98
N ILE F 87 55.36 43.70 3.99
CA ILE F 87 55.42 44.91 3.18
C ILE F 87 54.12 45.28 2.46
N ARG F 88 54.36 46.79 3.14
CA ARG F 88 53.23 47.20 2.34
C ARG F 88 53.65 46.91 0.89
N ASP F 89 52.75 47.13 -0.06
CA ASP F 89 53.07 46.90 -1.46
C ASP F 89 54.19 47.77 -2.02
N ASP F 90 54.38 48.96 -1.45
CA ASP F 90 55.44 49.87 -1.91
C ASP F 90 56.79 49.61 -1.23
N LYS F 91 56.92 48.45 -0.56
CA LYS F 91 58.12 48.02 0.17
C LYS F 91 58.38 48.65 1.53
N SER F 92 57.58 49.65 1.89
CA SER F 92 57.68 50.30 3.20
C SER F 92 57.20 49.36 4.29
N PRO F 93 57.86 49.38 5.46
CA PRO F 93 57.45 48.51 6.56
C PRO F 93 56.12 48.95 7.15
N ARG F 94 55.32 47.99 7.62
CA ARG F 94 54.05 48.30 8.26
C ARG F 94 54.28 48.77 9.71
N GLY F 95 55.35 48.30 10.34
CA GLY F 95 55.67 48.69 11.70
C GLY F 95 56.54 49.93 11.68
N THR F 96 56.90 50.44 12.85
CA THR F 96 57.73 51.63 12.92
C THR F 96 59.11 51.40 13.48
N ARG F 97 59.39 50.18 13.92
CA ARG F 97 60.68 49.85 14.49
C ARG F 97 61.14 48.51 13.94
N ILE F 98 62.43 48.38 13.74
CA ILE F 98 63.05 47.16 13.25
C ILE F 98 63.98 46.71 14.38
N PHE F 99 64.00 45.42 14.67
CA PHE F 99 64.84 44.92 15.76
C PHE F 99 65.95 44.05 15.23
N GLY F 100 67.14 44.23 15.79
CA GLY F 100 68.27 43.42 15.37
C GLY F 100 68.93 43.89 14.09
N PRO F 101 70.15 43.42 13.83
CA PRO F 101 70.90 43.81 12.64
C PRO F 101 70.29 43.25 11.36
N VAL F 102 70.44 43.99 10.26
CA VAL F 102 69.94 43.55 8.96
C VAL F 102 71.10 43.59 7.97
N ALA F 103 71.02 42.77 6.93
CA ALA F 103 72.05 42.69 5.91
C ALA F 103 72.00 43.87 4.92
N ARG F 104 73.16 44.35 4.51
CA ARG F 104 73.25 45.47 3.58
C ARG F 104 72.68 45.13 2.20
N GLU F 105 72.58 43.84 1.89
CA GLU F 105 72.02 43.40 0.61
C GLU F 105 70.63 44.00 0.35
N LEU F 106 69.90 44.32 1.43
CA LEU F 106 68.57 44.91 1.30
C LEU F 106 68.60 46.23 0.54
N ARG F 107 69.72 46.95 0.65
CA ARG F 107 69.92 48.22 -0.03
C ARG F 107 69.79 48.06 -1.56
N ASP F 108 70.33 46.97 -2.12
CA ASP F 108 70.25 46.73 -3.57
C ASP F 108 68.85 46.48 -4.12
N LYS F 109 67.97 45.98 -3.24
CA LYS F 109 66.59 45.67 -3.64
C LYS F 109 65.62 46.80 -3.30
N ASP F 110 66.15 47.97 -2.99
CA ASP F 110 65.36 49.15 -2.70
C ASP F 110 64.52 49.16 -1.40
N PHE F 111 64.98 48.45 -0.38
CA PHE F 111 64.27 48.47 0.89
C PHE F 111 64.92 49.55 1.74
N MET F 112 64.85 50.78 1.22
CA MET F 112 65.47 51.93 1.88
C MET F 112 64.94 52.31 3.26
N LYS F 113 63.63 52.22 3.47
CA LYS F 113 63.06 52.58 4.78
C LYS F 113 63.53 51.61 5.86
N ILE F 114 63.56 50.33 5.54
CA ILE F 114 64.02 49.32 6.49
C ILE F 114 65.48 49.56 6.85
N ILE F 115 66.31 49.82 5.84
CA ILE F 115 67.73 50.11 6.06
C ILE F 115 67.89 51.34 6.98
N SER F 116 67.06 52.35 6.78
CA SER F 116 67.17 53.55 7.62
C SER F 116 66.71 53.29 9.06
N LEU F 117 65.69 52.45 9.25
CA LEU F 117 65.19 52.14 10.59
C LEU F 117 66.00 51.10 11.36
N ALA F 118 66.77 50.28 10.65
CA ALA F 118 67.58 49.24 11.28
C ALA F 118 68.58 49.76 12.31
N PRO F 119 68.69 49.07 13.46
CA PRO F 119 69.62 49.42 14.54
C PRO F 119 71.06 49.41 14.02
N GLU F 120 71.35 48.43 13.16
CA GLU F 120 72.63 48.31 12.53
C GLU F 120 72.49 47.51 11.25
N VAL F 121 73.33 47.84 10.28
CA VAL F 121 73.37 47.19 8.99
C VAL F 121 74.76 46.56 8.91
N ILE F 122 74.83 45.28 8.58
CA ILE F 122 76.11 44.56 8.48
C ILE F 122 76.41 44.20 7.04
N MET G 1 -12.41 44.55 -93.07
CA MET G 1 -12.72 43.99 -91.74
C MET G 1 -11.45 43.42 -91.14
N PHE G 2 -11.35 43.24 -89.80
CA PHE G 2 -10.10 42.75 -89.21
C PHE G 2 -9.55 41.51 -89.89
N THR G 3 -10.39 40.63 -90.48
CA THR G 3 -9.88 39.49 -91.25
C THR G 3 -9.13 38.56 -90.33
N ILE G 4 -9.83 37.63 -89.65
CA ILE G 4 -9.14 36.71 -88.74
C ILE G 4 -8.81 35.48 -89.57
N ASN G 5 -7.71 35.49 -90.35
CA ASN G 5 -7.39 34.33 -91.18
C ASN G 5 -7.32 33.07 -90.34
N ALA G 6 -7.62 31.88 -90.93
CA ALA G 6 -7.69 30.66 -90.12
C ALA G 6 -7.70 29.44 -91.02
N GLU G 7 -7.86 28.22 -90.45
CA GLU G 7 -7.97 27.00 -91.27
C GLU G 7 -8.82 25.97 -90.57
N VAL G 8 -9.49 25.04 -91.29
CA VAL G 8 -10.43 24.13 -90.63
C VAL G 8 -9.73 23.05 -89.85
N ARG G 9 -10.39 22.47 -88.83
CA ARG G 9 -9.79 21.34 -88.10
C ARG G 9 -10.86 20.59 -87.34
N LYS G 10 -10.57 19.35 -86.85
CA LYS G 10 -11.52 18.63 -86.02
C LYS G 10 -10.80 17.52 -85.27
N GLU G 11 -9.64 17.81 -84.65
CA GLU G 11 -8.87 16.77 -84.00
C GLU G 11 -9.44 16.56 -82.61
N GLN G 12 -9.65 17.66 -81.86
CA GLN G 12 -10.31 17.63 -80.56
C GLN G 12 -9.77 16.55 -79.64
N GLY G 13 -10.39 16.27 -78.48
CA GLY G 13 -9.82 15.30 -77.56
C GLY G 13 -8.41 15.69 -77.17
N LYS G 14 -8.08 17.00 -77.13
CA LYS G 14 -6.71 17.47 -76.86
C LYS G 14 -5.83 17.41 -78.09
N GLY G 15 -5.98 16.43 -79.02
CA GLY G 15 -5.14 16.38 -80.22
C GLY G 15 -4.95 17.74 -80.85
N ALA G 16 -6.00 18.58 -80.90
CA ALA G 16 -5.83 19.93 -81.43
C ALA G 16 -5.02 20.73 -80.44
N SER G 17 -5.49 20.90 -79.18
CA SER G 17 -4.79 21.79 -78.25
C SER G 17 -3.30 21.50 -78.25
N ARG G 18 -2.92 20.23 -78.08
CA ARG G 18 -1.50 19.88 -77.94
C ARG G 18 -0.69 20.18 -79.20
N ARG G 19 -1.22 20.01 -80.43
CA ARG G 19 -0.42 20.33 -81.62
C ARG G 19 -0.41 21.83 -81.88
N LEU G 20 -1.51 22.56 -81.63
CA LEU G 20 -1.51 23.99 -81.94
C LEU G 20 -0.48 24.67 -81.08
N ARG G 21 -0.57 24.52 -79.74
CA ARG G 21 0.38 25.21 -78.86
C ARG G 21 1.81 24.89 -79.26
N ALA G 22 2.10 23.65 -79.72
CA ALA G 22 3.47 23.32 -80.11
C ALA G 22 3.96 24.30 -81.15
N ALA G 23 3.12 24.66 -82.15
CA ALA G 23 3.55 25.64 -83.16
C ALA G 23 3.05 27.02 -82.81
N ASN G 24 3.09 27.43 -81.53
CA ASN G 24 2.64 28.77 -81.14
C ASN G 24 1.37 29.15 -81.87
N LYS G 25 0.37 28.24 -81.86
CA LYS G 25 -0.89 28.49 -82.56
C LYS G 25 -2.01 28.45 -81.53
N PHE G 26 -3.27 28.72 -81.91
CA PHE G 26 -4.32 28.97 -80.92
C PHE G 26 -5.68 28.46 -81.35
N PRO G 27 -6.48 27.68 -80.56
CA PRO G 27 -7.74 27.17 -81.10
C PRO G 27 -8.90 28.10 -80.86
N ALA G 28 -10.05 27.77 -81.51
CA ALA G 28 -11.30 28.50 -81.28
C ALA G 28 -12.42 27.70 -81.92
N ILE G 29 -13.69 28.16 -82.01
CA ILE G 29 -14.73 27.35 -82.66
C ILE G 29 -15.82 28.22 -83.23
N ILE G 30 -16.52 27.82 -84.32
CA ILE G 30 -17.59 28.63 -84.89
C ILE G 30 -18.92 28.05 -84.49
N TYR G 31 -19.49 28.49 -83.33
CA TYR G 31 -20.86 28.09 -82.97
C TYR G 31 -21.80 28.37 -84.13
N GLY G 32 -23.03 27.83 -84.11
CA GLY G 32 -23.96 28.15 -85.20
C GLY G 32 -25.30 27.49 -84.99
N GLY G 33 -26.09 27.96 -84.01
CA GLY G 33 -27.41 27.38 -83.81
C GLY G 33 -28.28 27.49 -85.04
N LYS G 34 -28.12 28.54 -85.88
CA LYS G 34 -28.91 28.66 -87.11
C LYS G 34 -28.20 28.06 -88.31
N GLU G 35 -27.12 27.25 -88.16
CA GLU G 35 -26.44 26.65 -89.31
C GLU G 35 -25.86 25.31 -88.89
N ALA G 36 -24.81 25.29 -88.03
CA ALA G 36 -24.16 24.06 -87.59
C ALA G 36 -22.84 24.44 -86.94
N PRO G 37 -22.33 23.81 -85.85
CA PRO G 37 -21.05 24.24 -85.31
C PRO G 37 -19.91 23.74 -86.17
N LEU G 38 -18.71 24.36 -86.09
CA LEU G 38 -17.57 23.90 -86.90
C LEU G 38 -16.28 24.39 -86.27
N ALA G 39 -15.16 23.62 -86.25
CA ALA G 39 -13.95 24.05 -85.54
C ALA G 39 -12.83 24.51 -86.43
N ILE G 40 -11.89 25.31 -85.88
CA ILE G 40 -10.90 26.03 -86.70
C ILE G 40 -9.59 26.18 -85.94
N GLU G 41 -8.52 26.62 -86.66
CA GLU G 41 -7.20 26.80 -86.07
C GLU G 41 -6.64 28.12 -86.56
N LEU G 42 -5.81 28.84 -85.76
CA LEU G 42 -5.36 30.17 -86.17
C LEU G 42 -4.20 30.62 -85.32
N ASP G 43 -3.40 31.63 -85.76
CA ASP G 43 -2.25 32.05 -84.96
C ASP G 43 -2.69 32.71 -83.67
N HIS G 44 -1.79 32.85 -82.66
CA HIS G 44 -2.18 33.45 -81.39
C HIS G 44 -2.17 34.95 -81.47
N ASP G 45 -1.00 35.59 -81.70
CA ASP G 45 -0.93 37.05 -81.59
C ASP G 45 -1.79 37.73 -82.63
N LYS G 46 -2.11 37.07 -83.76
CA LYS G 46 -3.03 37.66 -84.73
C LYS G 46 -4.29 38.13 -84.01
N VAL G 47 -4.95 37.23 -83.25
CA VAL G 47 -6.22 37.60 -82.61
C VAL G 47 -5.99 38.35 -81.32
N MET G 48 -4.89 38.11 -80.57
CA MET G 48 -4.64 38.90 -79.36
C MET G 48 -4.84 40.36 -79.65
N ASN G 49 -4.23 40.86 -80.75
CA ASN G 49 -4.34 42.28 -81.09
C ASN G 49 -5.80 42.65 -81.28
N MET G 50 -6.57 41.81 -82.00
CA MET G 50 -7.93 42.21 -82.36
C MET G 50 -8.82 42.11 -81.16
N GLN G 51 -8.95 40.95 -80.48
CA GLN G 51 -9.86 40.87 -79.34
C GLN G 51 -9.54 41.87 -78.25
N ALA G 52 -8.34 42.48 -78.21
CA ALA G 52 -8.09 43.50 -77.18
C ALA G 52 -9.10 44.61 -77.30
N LYS G 53 -9.34 45.16 -78.51
CA LYS G 53 -10.28 46.27 -78.65
C LYS G 53 -11.70 45.76 -78.63
N ALA G 54 -12.70 46.63 -78.34
CA ALA G 54 -14.09 46.17 -78.27
C ALA G 54 -14.69 45.96 -79.64
N GLU G 55 -14.33 46.80 -80.64
CA GLU G 55 -14.88 46.66 -81.99
C GLU G 55 -14.86 45.20 -82.40
N PHE G 56 -13.81 44.43 -82.01
CA PHE G 56 -13.75 43.02 -82.38
C PHE G 56 -15.05 42.29 -82.13
N TYR G 57 -15.54 42.21 -80.88
CA TYR G 57 -16.77 41.44 -80.63
C TYR G 57 -17.97 42.21 -81.12
N SER G 58 -18.02 43.54 -80.91
CA SER G 58 -19.22 44.30 -81.28
C SER G 58 -19.48 44.17 -82.77
N GLU G 59 -18.44 44.36 -83.61
CA GLU G 59 -18.65 44.36 -85.07
C GLU G 59 -18.62 42.94 -85.59
N VAL G 60 -19.21 42.70 -86.78
CA VAL G 60 -19.14 41.37 -87.37
C VAL G 60 -17.70 41.14 -87.80
N LEU G 61 -17.21 39.87 -87.83
CA LEU G 61 -15.84 39.58 -88.24
C LEU G 61 -15.86 38.75 -89.50
N THR G 62 -14.67 38.51 -90.10
CA THR G 62 -14.60 37.73 -91.34
C THR G 62 -13.60 36.61 -91.14
N ILE G 63 -14.02 35.40 -90.71
CA ILE G 63 -13.06 34.30 -90.59
C ILE G 63 -12.76 33.89 -92.01
N VAL G 64 -11.46 33.73 -92.41
CA VAL G 64 -11.16 33.23 -93.75
C VAL G 64 -10.59 31.84 -93.59
N VAL G 65 -11.43 30.78 -93.62
CA VAL G 65 -10.89 29.42 -93.52
C VAL G 65 -10.50 29.02 -94.93
N ASP G 66 -9.31 28.42 -95.18
CA ASP G 66 -9.05 27.86 -96.50
C ASP G 66 -9.52 28.78 -97.62
N GLY G 67 -9.19 30.09 -97.53
CA GLY G 67 -9.58 31.03 -98.58
C GLY G 67 -11.09 31.16 -98.75
N LYS G 68 -11.91 31.05 -97.68
CA LYS G 68 -13.36 31.09 -97.82
C LYS G 68 -13.92 31.95 -96.69
N GLU G 69 -14.67 33.05 -96.97
CA GLU G 69 -15.14 33.90 -95.88
C GLU G 69 -16.32 33.28 -95.18
N ILE G 70 -16.30 33.12 -93.83
CA ILE G 70 -17.52 32.86 -93.07
C ILE G 70 -17.70 34.11 -92.23
N LYS G 71 -18.88 34.78 -92.22
CA LYS G 71 -19.04 35.99 -91.40
C LYS G 71 -19.46 35.56 -90.01
N VAL G 72 -18.95 36.19 -88.92
CA VAL G 72 -19.25 35.71 -87.57
C VAL G 72 -19.28 36.81 -86.52
N LYS G 73 -19.82 36.53 -85.30
CA LYS G 73 -19.64 37.42 -84.15
C LYS G 73 -18.71 36.73 -83.18
N ALA G 74 -18.41 37.29 -81.97
CA ALA G 74 -17.56 36.58 -81.00
C ALA G 74 -18.00 36.81 -79.58
N GLN G 75 -17.62 35.93 -78.62
CA GLN G 75 -18.04 36.09 -77.22
C GLN G 75 -16.91 35.73 -76.27
N ASP G 76 -16.59 34.43 -76.05
CA ASP G 76 -15.64 34.07 -75.00
C ASP G 76 -14.24 34.54 -75.36
N VAL G 77 -13.40 34.81 -74.33
CA VAL G 77 -12.03 35.25 -74.54
C VAL G 77 -11.22 34.71 -73.37
N GLN G 78 -11.11 33.37 -73.24
CA GLN G 78 -10.44 32.81 -72.05
C GLN G 78 -9.07 33.44 -71.90
N ARG G 79 -8.50 33.50 -70.68
CA ARG G 79 -7.30 34.30 -70.43
C ARG G 79 -6.23 33.49 -69.74
N HIS G 80 -4.93 33.81 -69.93
CA HIS G 80 -3.90 33.16 -69.12
C HIS G 80 -4.01 33.70 -67.71
N PRO G 81 -3.65 32.97 -66.62
CA PRO G 81 -3.88 33.51 -65.29
C PRO G 81 -2.99 34.70 -64.96
N TYR G 82 -1.77 34.83 -65.53
CA TYR G 82 -0.92 35.99 -65.23
C TYR G 82 -0.13 36.47 -66.42
N LYS G 83 -0.68 36.37 -67.67
CA LYS G 83 0.04 36.86 -68.85
C LYS G 83 -0.98 37.49 -69.76
N PRO G 84 -0.70 38.52 -70.61
CA PRO G 84 -1.70 38.99 -71.55
C PRO G 84 -1.77 38.00 -72.69
N LYS G 85 -2.33 36.79 -72.44
CA LYS G 85 -2.39 35.75 -73.47
C LYS G 85 -3.69 35.00 -73.32
N LEU G 86 -4.06 34.14 -74.31
CA LEU G 86 -5.41 33.58 -74.36
C LEU G 86 -5.38 32.08 -74.46
N GLN G 87 -6.45 31.38 -74.02
CA GLN G 87 -6.55 29.93 -74.20
C GLN G 87 -7.61 29.53 -75.23
N HIS G 88 -8.68 30.33 -75.50
CA HIS G 88 -9.69 29.93 -76.50
C HIS G 88 -10.69 31.04 -76.75
N ILE G 89 -11.37 31.05 -77.93
CA ILE G 89 -12.39 32.07 -78.23
C ILE G 89 -13.60 31.38 -78.84
N ASP G 90 -14.83 31.90 -78.66
CA ASP G 90 -15.98 31.38 -79.40
C ASP G 90 -16.18 32.25 -80.61
N PHE G 91 -16.69 31.69 -81.73
CA PHE G 91 -17.18 32.51 -82.84
C PHE G 91 -18.58 32.03 -83.12
N VAL G 92 -19.46 32.83 -83.77
CA VAL G 92 -20.84 32.37 -84.04
C VAL G 92 -21.24 32.87 -85.40
N ARG G 93 -21.95 32.11 -86.26
CA ARG G 93 -22.19 32.60 -87.62
C ARG G 93 -23.11 33.80 -87.63
N ALA G 94 -23.02 34.65 -88.68
CA ALA G 94 -23.80 35.87 -88.76
C ALA G 94 -24.57 35.89 -90.07
#